data_3S7Y
#
_entry.id   3S7Y
#
_cell.length_a   95.108
_cell.length_b   95.108
_cell.length_c   253.011
_cell.angle_alpha   90.00
_cell.angle_beta   90.00
_cell.angle_gamma   120.00
#
_symmetry.space_group_name_H-M   'P 31 2 1'
#
_entity_poly.entity_id   1
_entity_poly.type   'polypeptide(L)'
_entity_poly.pdbx_seq_one_letter_code
;MGSSHHHHHHSSGLVPRGSHMNPNAPGVRQTIVQLLSHMRDGKEIREYLHRFSGIDQERFAVIKVGGAVIQDDLPGLASA
LAFLQTVGLTPVVVHGGGPQLDAALEAADIPTERVDGLRVTRDEAIPIIRDTLTQANLALVDAIRDAGGRAAAVPRGVFE
ADIVDADKLGRVGEPRHIHLDLVGSAARAGQAAILACLGETPDGTLVNINADVAVRALVHALQPYKVVFLTGTGGLLDED
GDILSSINLATDFGDLMQADWVNGGMRLKLEEIKRLLDDLPLSSSVSITRPSELARELFTHAGSGTLIRRGERIVATDDK
SSLDLGRLDNLVKAAFGRPAVEGYWDRLRVDRAFVTESYRAAAITTRLDGWVYLDKFAVLDDARGEGLGRTVWNRLVDYA
PQLIWRSRTNNPVNGFYFEECDGAVRRDEWTVFWRGEMGPVEVADVVEKAFALPPTLEAPQ
;
_entity_poly.pdbx_strand_id   A,X
#
# COMPACT_ATOMS: atom_id res chain seq x y z
N ALA A 25 -13.79 -21.54 6.53
CA ALA A 25 -13.45 -20.40 5.68
C ALA A 25 -12.35 -19.52 6.29
N PRO A 26 -12.53 -19.08 7.55
CA PRO A 26 -11.53 -18.27 8.26
C PRO A 26 -10.16 -18.91 8.32
N GLY A 27 -9.95 -19.97 7.54
CA GLY A 27 -8.71 -20.69 7.48
C GLY A 27 -7.68 -20.21 6.47
N VAL A 28 -8.11 -20.11 5.21
CA VAL A 28 -7.21 -19.63 4.16
C VAL A 28 -6.95 -18.12 4.21
N ARG A 29 -7.95 -17.31 4.54
CA ARG A 29 -7.77 -15.85 4.58
C ARG A 29 -6.59 -15.26 5.37
N GLN A 30 -6.40 -15.69 6.62
CA GLN A 30 -5.56 -14.89 7.52
C GLN A 30 -4.23 -14.61 6.85
N THR A 31 -3.54 -15.69 6.48
CA THR A 31 -2.22 -15.58 5.88
C THR A 31 -2.31 -14.88 4.53
N ILE A 32 -3.21 -15.36 3.67
CA ILE A 32 -3.41 -14.75 2.35
C ILE A 32 -3.56 -13.25 2.49
N VAL A 33 -3.86 -12.79 3.70
CA VAL A 33 -3.95 -11.37 3.97
C VAL A 33 -2.73 -10.73 4.65
N GLN A 34 -2.18 -11.38 5.67
CA GLN A 34 -0.99 -10.82 6.34
C GLN A 34 0.10 -10.64 5.29
N LEU A 35 -0.13 -11.32 4.18
CA LEU A 35 0.61 -11.20 2.94
C LEU A 35 0.44 -9.81 2.33
N LEU A 36 -0.80 -9.54 1.96
CA LEU A 36 -1.25 -8.37 1.20
C LEU A 36 -1.00 -7.00 1.87
N SER A 37 -0.74 -7.03 3.17
CA SER A 37 -0.50 -5.81 3.96
C SER A 37 0.62 -4.84 3.52
N HIS A 38 1.79 -5.34 3.12
CA HIS A 38 2.96 -4.48 2.85
C HIS A 38 3.19 -3.97 1.41
N MET A 39 2.39 -4.41 0.43
CA MET A 39 2.77 -4.27 -0.98
C MET A 39 2.39 -2.97 -1.70
N ARG A 40 3.05 -2.73 -2.84
CA ARG A 40 2.79 -1.59 -3.71
C ARG A 40 1.33 -1.62 -4.20
N ASP A 41 0.83 -2.80 -4.60
CA ASP A 41 -0.56 -2.95 -5.04
C ASP A 41 -1.30 -3.97 -4.16
N GLY A 42 -1.26 -3.75 -2.86
CA GLY A 42 -1.90 -4.63 -1.89
C GLY A 42 -3.13 -4.17 -1.13
N LYS A 43 -3.13 -2.92 -0.64
CA LYS A 43 -4.28 -2.35 0.07
C LYS A 43 -5.63 -2.56 -0.58
N GLU A 44 -5.66 -2.97 -1.83
CA GLU A 44 -6.93 -3.03 -2.52
C GLU A 44 -7.34 -4.44 -2.94
N ILE A 45 -6.92 -5.42 -2.15
CA ILE A 45 -7.26 -6.82 -2.38
C ILE A 45 -7.78 -7.53 -1.11
N ARG A 46 -7.04 -7.40 0.00
CA ARG A 46 -7.47 -7.91 1.32
C ARG A 46 -8.87 -7.54 1.77
N GLU A 47 -9.30 -6.38 1.29
CA GLU A 47 -10.52 -5.70 1.69
C GLU A 47 -11.69 -6.28 0.87
N TYR A 48 -11.43 -6.63 -0.39
CA TYR A 48 -12.42 -7.37 -1.17
C TYR A 48 -12.68 -8.62 -0.37
N LEU A 49 -11.61 -9.17 0.19
CA LEU A 49 -11.70 -10.41 0.92
C LEU A 49 -12.63 -10.26 2.11
N HIS A 50 -12.34 -9.28 2.95
CA HIS A 50 -13.20 -8.97 4.09
C HIS A 50 -14.65 -8.64 3.73
N ARG A 51 -14.85 -7.89 2.64
CA ARG A 51 -16.18 -7.52 2.20
C ARG A 51 -17.06 -8.72 1.88
N PHE A 52 -16.45 -9.66 1.17
CA PHE A 52 -17.10 -10.85 0.67
C PHE A 52 -16.48 -11.98 1.46
N SER A 53 -16.08 -11.65 2.68
CA SER A 53 -15.48 -12.61 3.59
C SER A 53 -16.27 -13.88 3.54
N GLY A 54 -17.57 -13.71 3.60
CA GLY A 54 -18.47 -14.84 3.74
C GLY A 54 -19.58 -14.68 2.72
N ILE A 55 -20.54 -15.59 2.80
CA ILE A 55 -21.88 -15.46 2.24
C ILE A 55 -22.07 -14.77 0.88
N ASP A 56 -21.55 -13.56 0.68
CA ASP A 56 -21.57 -12.98 -0.66
C ASP A 56 -20.29 -13.32 -1.37
N GLN A 57 -19.76 -14.51 -1.05
CA GLN A 57 -18.45 -14.88 -1.57
C GLN A 57 -18.50 -14.92 -3.08
N GLU A 58 -19.65 -15.24 -3.64
CA GLU A 58 -19.65 -15.23 -5.08
C GLU A 58 -19.98 -13.83 -5.56
N ARG A 59 -20.54 -13.02 -4.67
CA ARG A 59 -20.88 -11.65 -5.01
C ARG A 59 -19.61 -10.91 -5.36
N PHE A 60 -18.54 -11.67 -5.55
CA PHE A 60 -17.28 -11.12 -5.97
C PHE A 60 -17.19 -10.55 -7.38
N ALA A 61 -17.45 -11.39 -8.37
CA ALA A 61 -17.20 -11.00 -9.75
C ALA A 61 -17.99 -11.85 -10.71
N VAL A 62 -18.55 -11.22 -11.74
CA VAL A 62 -19.03 -11.94 -12.90
C VAL A 62 -18.02 -11.73 -14.00
N ILE A 63 -18.06 -12.52 -15.07
CA ILE A 63 -17.04 -12.40 -16.10
C ILE A 63 -17.47 -12.99 -17.37
N LYS A 64 -17.70 -12.20 -18.38
CA LYS A 64 -18.12 -12.89 -19.57
C LYS A 64 -17.00 -13.16 -20.50
N VAL A 65 -17.22 -14.07 -21.45
CA VAL A 65 -16.22 -14.34 -22.47
C VAL A 65 -16.80 -14.86 -23.81
N GLY A 66 -16.46 -14.12 -24.85
CA GLY A 66 -16.76 -14.46 -26.22
C GLY A 66 -16.13 -15.79 -26.57
N GLY A 67 -16.80 -16.54 -27.43
CA GLY A 67 -16.31 -17.81 -27.86
C GLY A 67 -14.83 -17.80 -28.22
N ALA A 68 -14.35 -16.80 -28.96
CA ALA A 68 -12.94 -16.83 -29.37
C ALA A 68 -11.86 -17.08 -28.32
N VAL A 69 -11.74 -16.25 -27.30
CA VAL A 69 -10.63 -16.38 -26.34
C VAL A 69 -10.33 -17.74 -25.77
N ILE A 70 -11.40 -18.46 -25.43
CA ILE A 70 -11.19 -19.75 -24.85
C ILE A 70 -10.52 -20.72 -25.84
N GLN A 71 -10.85 -20.54 -27.11
CA GLN A 71 -10.25 -21.33 -28.18
C GLN A 71 -8.78 -21.04 -28.51
N ASP A 72 -8.50 -19.78 -28.84
CA ASP A 72 -7.18 -19.36 -29.33
C ASP A 72 -6.20 -19.11 -28.23
N ASP A 73 -6.75 -19.04 -27.04
CA ASP A 73 -6.03 -18.69 -25.84
C ASP A 73 -6.66 -19.42 -24.71
N LEU A 74 -6.90 -20.71 -24.87
CA LEU A 74 -7.43 -21.41 -23.72
C LEU A 74 -6.62 -21.01 -22.50
N PRO A 75 -5.29 -21.02 -22.59
CA PRO A 75 -4.40 -20.78 -21.45
C PRO A 75 -4.41 -19.42 -20.73
N GLY A 76 -4.70 -18.29 -21.38
CA GLY A 76 -4.70 -17.06 -20.59
C GLY A 76 -5.85 -16.71 -19.68
N LEU A 77 -7.09 -16.75 -20.17
CA LEU A 77 -8.27 -16.65 -19.32
C LEU A 77 -7.94 -17.51 -18.08
N ALA A 78 -7.58 -18.76 -18.33
CA ALA A 78 -7.26 -19.74 -17.30
C ALA A 78 -6.21 -19.30 -16.30
N SER A 79 -5.13 -18.72 -16.77
CA SER A 79 -4.12 -18.30 -15.83
C SER A 79 -4.70 -17.22 -14.91
N ALA A 80 -5.50 -16.35 -15.50
CA ALA A 80 -6.24 -15.27 -14.83
C ALA A 80 -7.21 -15.65 -13.71
N LEU A 81 -8.18 -16.47 -14.05
CA LEU A 81 -9.19 -16.98 -13.14
C LEU A 81 -8.59 -17.55 -11.86
N ALA A 82 -7.43 -18.16 -11.98
CA ALA A 82 -6.87 -18.79 -10.81
C ALA A 82 -6.22 -17.79 -9.85
N PHE A 83 -5.99 -16.55 -10.28
CA PHE A 83 -5.45 -15.56 -9.33
C PHE A 83 -6.60 -15.05 -8.43
N LEU A 84 -7.75 -14.66 -9.00
CA LEU A 84 -8.87 -14.25 -8.16
C LEU A 84 -9.28 -15.22 -7.09
N GLN A 85 -9.40 -16.49 -7.44
CA GLN A 85 -9.91 -17.43 -6.45
C GLN A 85 -8.93 -17.74 -5.31
N THR A 86 -7.65 -17.76 -5.63
CA THR A 86 -6.58 -18.01 -4.64
C THR A 86 -6.41 -16.85 -3.67
N VAL A 87 -6.82 -15.66 -4.13
CA VAL A 87 -6.73 -14.46 -3.32
C VAL A 87 -7.88 -14.25 -2.37
N GLY A 88 -8.93 -15.02 -2.57
CA GLY A 88 -10.07 -14.97 -1.70
C GLY A 88 -11.26 -14.53 -2.53
N LEU A 89 -10.99 -14.05 -3.74
CA LEU A 89 -12.05 -13.58 -4.61
C LEU A 89 -12.76 -14.72 -5.27
N THR A 90 -13.89 -14.47 -5.91
CA THR A 90 -14.61 -15.60 -6.49
C THR A 90 -15.20 -15.26 -7.83
N PRO A 91 -14.50 -15.63 -8.90
CA PRO A 91 -15.00 -15.33 -10.24
C PRO A 91 -16.18 -16.23 -10.46
N VAL A 92 -17.30 -15.74 -10.94
CA VAL A 92 -18.34 -16.64 -11.37
C VAL A 92 -18.37 -16.37 -12.85
N VAL A 93 -17.77 -17.31 -13.55
CA VAL A 93 -17.45 -17.23 -14.98
C VAL A 93 -18.49 -17.85 -15.87
N VAL A 94 -18.75 -17.18 -16.97
CA VAL A 94 -19.71 -17.62 -17.95
C VAL A 94 -19.12 -17.61 -19.34
N HIS A 95 -19.36 -18.65 -20.13
CA HIS A 95 -18.81 -18.68 -21.48
C HIS A 95 -19.74 -19.19 -22.60
N GLY A 96 -19.49 -18.69 -23.80
CA GLY A 96 -20.23 -19.07 -24.99
C GLY A 96 -19.16 -19.70 -25.86
N GLY A 97 -19.54 -20.18 -27.03
CA GLY A 97 -18.53 -20.80 -27.85
C GLY A 97 -18.54 -20.14 -29.19
N GLY A 98 -18.55 -18.80 -29.18
CA GLY A 98 -18.69 -18.05 -30.41
C GLY A 98 -17.96 -18.86 -31.46
N PRO A 99 -16.68 -18.56 -31.68
CA PRO A 99 -15.90 -19.22 -32.74
C PRO A 99 -15.86 -20.76 -32.74
N GLN A 100 -15.66 -21.47 -31.63
CA GLN A 100 -15.58 -22.93 -31.82
C GLN A 100 -16.85 -23.58 -32.28
N LEU A 101 -17.98 -22.96 -31.94
CA LEU A 101 -19.27 -23.46 -32.39
C LEU A 101 -19.64 -22.84 -33.72
N ASP A 102 -19.48 -21.51 -33.78
CA ASP A 102 -19.74 -20.74 -34.99
C ASP A 102 -19.10 -21.42 -36.18
N ALA A 103 -17.85 -21.80 -36.02
CA ALA A 103 -17.14 -22.50 -37.09
C ALA A 103 -17.40 -24.00 -37.05
N ALA A 104 -17.39 -24.64 -35.88
CA ALA A 104 -17.63 -26.08 -35.87
C ALA A 104 -19.02 -26.50 -36.43
N LEU A 105 -20.07 -25.68 -36.29
CA LEU A 105 -21.40 -26.00 -36.86
C LEU A 105 -21.57 -25.73 -38.34
N GLU A 106 -20.56 -25.13 -38.94
CA GLU A 106 -20.52 -25.05 -40.40
C GLU A 106 -19.77 -26.24 -40.98
N ALA A 107 -18.89 -26.85 -40.20
CA ALA A 107 -18.27 -28.06 -40.67
C ALA A 107 -19.44 -28.99 -40.84
N ALA A 108 -20.21 -29.10 -39.77
CA ALA A 108 -21.33 -29.99 -39.79
C ALA A 108 -22.21 -29.48 -40.91
N ASP A 109 -23.05 -28.49 -40.58
CA ASP A 109 -23.92 -27.78 -41.53
C ASP A 109 -25.24 -27.30 -40.96
N ILE A 110 -26.05 -26.80 -41.88
CA ILE A 110 -27.34 -26.22 -41.56
C ILE A 110 -27.05 -25.10 -40.59
N PRO A 111 -26.08 -24.25 -40.94
CA PRO A 111 -25.70 -23.12 -40.12
C PRO A 111 -26.01 -21.93 -40.97
N THR A 112 -26.93 -21.11 -40.51
CA THR A 112 -27.27 -19.86 -41.15
C THR A 112 -28.22 -19.15 -40.18
N GLU A 113 -29.43 -19.69 -40.10
CA GLU A 113 -30.62 -19.18 -39.39
C GLU A 113 -30.35 -18.25 -38.19
N ARG A 114 -30.53 -16.95 -38.39
CA ARG A 114 -30.46 -15.97 -37.31
C ARG A 114 -31.77 -15.11 -37.31
N VAL A 115 -32.93 -15.74 -37.10
CA VAL A 115 -34.21 -15.03 -37.25
C VAL A 115 -34.48 -13.51 -36.88
N ASP A 116 -34.92 -13.11 -35.70
CA ASP A 116 -35.15 -11.62 -35.47
C ASP A 116 -33.99 -10.76 -35.93
N GLY A 117 -33.12 -10.52 -34.94
CA GLY A 117 -31.88 -9.82 -35.17
C GLY A 117 -30.75 -10.73 -34.62
N LEU A 118 -30.99 -11.99 -34.14
CA LEU A 118 -29.85 -12.83 -33.69
C LEU A 118 -30.07 -14.37 -33.60
N ARG A 119 -29.31 -15.11 -34.39
CA ARG A 119 -29.24 -16.58 -34.30
C ARG A 119 -30.46 -17.38 -33.95
N VAL A 120 -30.86 -18.26 -34.86
CA VAL A 120 -31.87 -19.23 -34.51
C VAL A 120 -31.29 -20.61 -34.59
N THR A 121 -31.48 -21.36 -33.51
CA THR A 121 -30.89 -22.66 -33.47
C THR A 121 -32.13 -23.51 -33.31
N ARG A 122 -32.47 -24.14 -34.43
CA ARG A 122 -33.65 -24.96 -34.63
C ARG A 122 -33.26 -26.34 -34.08
N ASP A 123 -34.21 -27.24 -33.92
CA ASP A 123 -33.98 -28.55 -33.28
C ASP A 123 -32.66 -29.24 -33.63
N GLU A 124 -32.12 -29.00 -34.81
CA GLU A 124 -30.91 -29.68 -35.24
C GLU A 124 -29.63 -29.28 -34.49
N ALA A 125 -29.54 -28.05 -34.00
CA ALA A 125 -28.26 -27.59 -33.46
C ALA A 125 -28.12 -27.86 -31.96
N ILE A 126 -29.20 -28.32 -31.33
CA ILE A 126 -29.16 -28.62 -29.90
C ILE A 126 -27.95 -29.48 -29.57
N PRO A 127 -27.90 -30.71 -30.11
CA PRO A 127 -26.83 -31.58 -29.61
C PRO A 127 -25.42 -31.03 -29.84
N ILE A 128 -25.22 -30.13 -30.81
CA ILE A 128 -23.87 -29.63 -31.09
C ILE A 128 -23.26 -28.76 -30.00
N ILE A 129 -24.03 -27.74 -29.66
CA ILE A 129 -23.66 -26.73 -28.69
C ILE A 129 -23.48 -27.38 -27.31
N ARG A 130 -24.40 -28.27 -26.92
CA ARG A 130 -24.19 -29.04 -25.70
C ARG A 130 -22.79 -29.56 -25.79
N ASP A 131 -22.68 -30.55 -26.67
CA ASP A 131 -21.49 -31.34 -26.83
C ASP A 131 -20.23 -30.46 -27.03
N THR A 132 -20.37 -29.32 -27.71
CA THR A 132 -19.23 -28.42 -27.92
C THR A 132 -18.67 -27.64 -26.73
N LEU A 133 -19.58 -26.91 -26.09
CA LEU A 133 -19.32 -26.15 -24.88
C LEU A 133 -18.89 -27.03 -23.76
N THR A 134 -19.69 -28.05 -23.55
CA THR A 134 -19.44 -29.04 -22.55
C THR A 134 -18.04 -29.58 -22.74
N GLN A 135 -17.60 -29.67 -23.99
CA GLN A 135 -16.24 -30.13 -24.26
C GLN A 135 -15.27 -29.11 -23.77
N ALA A 136 -15.51 -27.93 -24.33
CA ALA A 136 -14.76 -26.76 -24.01
C ALA A 136 -14.80 -26.30 -22.58
N ASN A 137 -15.99 -26.42 -22.02
CA ASN A 137 -16.22 -26.06 -20.63
C ASN A 137 -15.24 -26.74 -19.69
N LEU A 138 -15.09 -28.02 -19.94
CA LEU A 138 -14.25 -28.89 -19.18
C LEU A 138 -12.89 -28.42 -19.59
N ALA A 139 -12.74 -28.10 -20.87
CA ALA A 139 -11.43 -27.68 -21.29
C ALA A 139 -11.09 -26.50 -20.40
N LEU A 140 -12.04 -25.61 -20.16
CA LEU A 140 -11.74 -24.44 -19.35
C LEU A 140 -11.56 -24.75 -17.87
N VAL A 141 -12.52 -25.45 -17.27
CA VAL A 141 -12.30 -25.93 -15.92
C VAL A 141 -10.96 -26.62 -15.76
N ASP A 142 -10.57 -27.43 -16.72
CA ASP A 142 -9.32 -28.16 -16.55
C ASP A 142 -8.18 -27.18 -16.82
N ALA A 143 -8.35 -26.35 -17.84
CA ALA A 143 -7.42 -25.27 -18.06
C ALA A 143 -7.33 -24.51 -16.71
N ILE A 144 -8.43 -24.38 -15.94
CA ILE A 144 -8.39 -23.58 -14.69
C ILE A 144 -7.52 -24.28 -13.65
N ARG A 145 -7.81 -25.56 -13.46
CA ARG A 145 -7.04 -26.48 -12.62
C ARG A 145 -5.60 -26.56 -13.07
N ASP A 146 -5.36 -26.54 -14.39
CA ASP A 146 -3.99 -26.63 -14.90
C ASP A 146 -3.26 -25.46 -14.32
N ALA A 147 -3.97 -24.34 -14.23
CA ALA A 147 -3.36 -23.11 -13.79
C ALA A 147 -3.22 -23.03 -12.27
N GLY A 148 -3.61 -24.04 -11.52
CA GLY A 148 -3.45 -23.92 -10.09
C GLY A 148 -4.63 -23.33 -9.37
N GLY A 149 -5.80 -23.29 -10.01
CA GLY A 149 -6.94 -22.74 -9.31
C GLY A 149 -7.87 -23.84 -8.90
N ARG A 150 -9.00 -23.44 -8.32
CA ARG A 150 -9.99 -24.41 -7.88
C ARG A 150 -11.28 -23.92 -8.49
N ALA A 151 -12.00 -24.86 -9.05
CA ALA A 151 -13.16 -24.52 -9.82
C ALA A 151 -14.10 -25.70 -9.98
N ALA A 152 -15.36 -25.41 -10.27
CA ALA A 152 -16.29 -26.47 -10.50
C ALA A 152 -16.90 -26.11 -11.84
N ALA A 153 -17.16 -27.13 -12.62
CA ALA A 153 -17.71 -26.91 -13.93
C ALA A 153 -19.16 -26.90 -13.85
N VAL A 154 -19.87 -25.83 -14.23
CA VAL A 154 -21.31 -25.91 -14.03
C VAL A 154 -22.06 -25.54 -15.29
N PRO A 155 -21.99 -26.45 -16.26
CA PRO A 155 -22.37 -26.56 -17.67
C PRO A 155 -23.75 -27.04 -18.01
N ARG A 156 -24.59 -27.25 -17.06
CA ARG A 156 -25.99 -27.38 -17.36
C ARG A 156 -26.69 -26.94 -16.14
N GLY A 157 -27.96 -26.61 -16.28
CA GLY A 157 -28.77 -26.26 -15.14
C GLY A 157 -28.74 -24.96 -14.38
N VAL A 158 -28.51 -23.83 -15.02
CA VAL A 158 -28.37 -22.64 -14.23
C VAL A 158 -29.50 -21.84 -14.69
N PHE A 159 -29.59 -21.73 -16.00
CA PHE A 159 -30.63 -20.98 -16.62
C PHE A 159 -31.92 -21.71 -16.76
N GLU A 160 -32.92 -21.34 -15.96
CA GLU A 160 -34.21 -21.84 -16.28
C GLU A 160 -34.63 -20.74 -17.19
N ALA A 161 -35.26 -21.10 -18.32
CA ALA A 161 -35.59 -20.11 -19.33
C ALA A 161 -36.83 -20.58 -20.06
N ASP A 162 -37.77 -19.69 -20.36
CA ASP A 162 -38.82 -20.06 -21.29
C ASP A 162 -38.56 -19.89 -22.81
N ILE A 163 -38.81 -20.93 -23.58
CA ILE A 163 -38.74 -20.92 -25.05
C ILE A 163 -39.90 -20.06 -25.56
N VAL A 164 -39.67 -18.84 -25.96
CA VAL A 164 -40.80 -18.00 -26.30
C VAL A 164 -41.03 -17.72 -27.81
N ASP A 165 -41.41 -18.73 -28.60
CA ASP A 165 -41.72 -18.53 -30.04
C ASP A 165 -41.92 -19.79 -30.92
N ALA A 166 -41.82 -20.96 -30.32
CA ALA A 166 -41.94 -22.29 -30.97
C ALA A 166 -41.66 -22.52 -32.47
N ASP A 167 -42.21 -21.71 -33.36
CA ASP A 167 -42.10 -21.98 -34.80
C ASP A 167 -40.92 -21.36 -35.53
N LYS A 168 -40.84 -20.06 -35.37
CA LYS A 168 -39.92 -19.19 -36.08
C LYS A 168 -38.42 -19.43 -35.87
N LEU A 169 -37.94 -18.99 -34.71
CA LEU A 169 -36.54 -19.09 -34.32
C LEU A 169 -36.04 -20.51 -34.07
N GLY A 170 -36.97 -21.46 -34.05
CA GLY A 170 -36.61 -22.85 -33.91
C GLY A 170 -36.62 -23.24 -32.44
N ARG A 171 -35.45 -23.42 -31.86
CA ARG A 171 -35.37 -23.86 -30.47
C ARG A 171 -34.51 -22.91 -29.62
N VAL A 172 -34.94 -21.66 -29.46
CA VAL A 172 -34.27 -20.74 -28.55
C VAL A 172 -35.22 -20.12 -27.49
N GLY A 173 -34.71 -19.82 -26.28
CA GLY A 173 -35.53 -19.33 -25.16
C GLY A 173 -35.08 -18.11 -24.35
N GLU A 174 -35.58 -18.01 -23.11
CA GLU A 174 -35.41 -16.79 -22.29
C GLU A 174 -35.44 -17.01 -20.77
N PRO A 175 -34.38 -16.56 -20.06
CA PRO A 175 -34.10 -16.64 -18.62
C PRO A 175 -35.20 -16.15 -17.71
N ARG A 176 -35.95 -17.01 -17.04
CA ARG A 176 -37.05 -16.52 -16.22
C ARG A 176 -36.76 -16.63 -14.75
N HIS A 177 -35.96 -17.63 -14.39
CA HIS A 177 -35.66 -17.82 -13.00
C HIS A 177 -34.30 -18.45 -12.91
N ILE A 178 -33.60 -18.01 -11.87
CA ILE A 178 -32.25 -18.46 -11.64
C ILE A 178 -31.90 -19.28 -10.44
N HIS A 179 -31.53 -20.52 -10.70
CA HIS A 179 -31.05 -21.39 -9.66
C HIS A 179 -29.56 -21.12 -9.48
N LEU A 180 -29.28 -20.40 -8.40
CA LEU A 180 -27.97 -19.96 -7.99
C LEU A 180 -27.42 -21.09 -7.18
N ASP A 181 -28.25 -22.12 -7.07
CA ASP A 181 -27.96 -23.23 -6.19
C ASP A 181 -26.63 -23.84 -6.46
N LEU A 182 -26.39 -24.06 -7.72
CA LEU A 182 -25.17 -24.65 -8.21
C LEU A 182 -23.88 -23.91 -8.08
N VAL A 183 -23.96 -22.61 -8.37
CA VAL A 183 -22.80 -21.75 -8.30
C VAL A 183 -22.23 -21.76 -6.92
N GLY A 184 -23.13 -21.57 -5.96
CA GLY A 184 -22.78 -21.53 -4.56
C GLY A 184 -22.16 -22.82 -4.12
N SER A 185 -22.53 -23.92 -4.77
CA SER A 185 -21.95 -25.19 -4.38
C SER A 185 -20.48 -25.18 -4.78
N ALA A 186 -20.19 -24.67 -5.98
CA ALA A 186 -18.80 -24.57 -6.37
C ALA A 186 -18.03 -23.54 -5.54
N ALA A 187 -18.51 -22.30 -5.59
CA ALA A 187 -17.94 -21.17 -4.85
C ALA A 187 -17.69 -21.46 -3.36
N ARG A 188 -18.74 -21.85 -2.65
CA ARG A 188 -18.66 -22.13 -1.23
C ARG A 188 -17.44 -22.95 -0.92
N ALA A 189 -17.04 -23.74 -1.89
CA ALA A 189 -15.93 -24.65 -1.80
C ALA A 189 -14.67 -23.97 -2.30
N GLY A 190 -14.81 -22.73 -2.73
CA GLY A 190 -13.66 -22.03 -3.22
C GLY A 190 -13.49 -22.37 -4.68
N GLN A 191 -14.56 -22.87 -5.32
CA GLN A 191 -14.39 -23.03 -6.76
C GLN A 191 -14.98 -21.92 -7.57
N ALA A 192 -14.27 -21.64 -8.66
CA ALA A 192 -14.79 -20.69 -9.58
C ALA A 192 -15.90 -21.45 -10.30
N ALA A 193 -17.09 -20.88 -10.23
CA ALA A 193 -18.25 -21.48 -10.84
C ALA A 193 -18.11 -21.12 -12.29
N ILE A 194 -17.88 -22.15 -13.09
CA ILE A 194 -17.77 -21.99 -14.52
C ILE A 194 -18.96 -22.26 -15.40
N LEU A 195 -20.03 -21.50 -15.21
CA LEU A 195 -21.32 -21.73 -15.86
C LEU A 195 -21.18 -21.64 -17.37
N ALA A 196 -21.54 -22.69 -18.10
CA ALA A 196 -21.52 -22.56 -19.55
C ALA A 196 -22.86 -21.97 -19.91
N CYS A 197 -23.07 -21.60 -21.17
CA CYS A 197 -24.37 -21.04 -21.46
C CYS A 197 -25.47 -21.81 -22.06
N LEU A 198 -25.87 -22.87 -21.41
CA LEU A 198 -27.05 -23.57 -21.87
C LEU A 198 -28.04 -23.47 -20.72
N GLY A 199 -29.26 -23.97 -20.94
CA GLY A 199 -30.28 -23.86 -19.93
C GLY A 199 -31.30 -24.96 -20.11
N GLU A 200 -32.21 -25.04 -19.14
CA GLU A 200 -33.31 -25.96 -19.25
C GLU A 200 -34.58 -25.24 -18.91
N THR A 201 -35.58 -25.41 -19.75
CA THR A 201 -36.81 -24.77 -19.42
C THR A 201 -37.17 -25.56 -18.19
N PRO A 202 -38.16 -25.09 -17.43
CA PRO A 202 -38.55 -25.80 -16.23
C PRO A 202 -39.22 -27.16 -16.51
N ASP A 203 -39.77 -27.41 -17.69
CA ASP A 203 -40.26 -28.76 -18.01
C ASP A 203 -39.13 -29.61 -18.55
N GLY A 204 -38.07 -28.94 -18.98
CA GLY A 204 -36.86 -29.59 -19.39
C GLY A 204 -36.33 -29.27 -20.77
N THR A 205 -37.17 -28.76 -21.67
CA THR A 205 -36.67 -28.47 -23.01
C THR A 205 -35.40 -27.64 -23.00
N LEU A 206 -34.32 -28.37 -23.24
CA LEU A 206 -32.98 -27.85 -23.38
C LEU A 206 -33.01 -26.67 -24.31
N VAL A 207 -32.37 -25.56 -23.97
CA VAL A 207 -32.42 -24.43 -24.88
C VAL A 207 -31.12 -23.64 -24.96
N ASN A 208 -30.92 -22.89 -26.05
CA ASN A 208 -29.70 -22.12 -26.18
C ASN A 208 -29.94 -20.73 -25.74
N ILE A 209 -29.20 -20.24 -24.77
CA ILE A 209 -29.51 -18.89 -24.42
C ILE A 209 -28.37 -18.23 -25.11
N ASN A 210 -28.63 -17.14 -25.81
CA ASN A 210 -27.55 -16.34 -26.30
C ASN A 210 -27.04 -15.79 -24.99
N ALA A 211 -25.74 -15.76 -24.80
CA ALA A 211 -25.19 -15.41 -23.49
C ALA A 211 -25.52 -14.05 -22.89
N ASP A 212 -25.74 -13.02 -23.68
CA ASP A 212 -25.98 -11.75 -23.00
C ASP A 212 -27.18 -11.75 -22.05
N VAL A 213 -28.37 -12.03 -22.57
CA VAL A 213 -29.53 -12.18 -21.69
C VAL A 213 -29.20 -13.04 -20.49
N ALA A 214 -28.25 -13.92 -20.68
CA ALA A 214 -27.84 -14.77 -19.61
C ALA A 214 -27.06 -14.00 -18.56
N VAL A 215 -26.10 -13.20 -19.03
CA VAL A 215 -25.24 -12.43 -18.13
C VAL A 215 -26.01 -11.45 -17.33
N ARG A 216 -26.91 -10.76 -18.00
CA ARG A 216 -27.70 -9.82 -17.28
C ARG A 216 -28.37 -10.60 -16.15
N ALA A 217 -29.44 -11.31 -16.49
CA ALA A 217 -30.19 -12.07 -15.53
C ALA A 217 -29.23 -12.49 -14.43
N LEU A 218 -28.09 -13.03 -14.82
CA LEU A 218 -27.12 -13.48 -13.83
C LEU A 218 -26.51 -12.42 -12.91
N VAL A 219 -26.07 -11.31 -13.51
CA VAL A 219 -25.45 -10.17 -12.81
C VAL A 219 -26.50 -9.61 -11.90
N HIS A 220 -27.71 -9.64 -12.43
CA HIS A 220 -28.86 -9.24 -11.69
C HIS A 220 -28.84 -10.03 -10.42
N ALA A 221 -29.09 -11.33 -10.55
CA ALA A 221 -29.22 -12.26 -9.44
C ALA A 221 -28.10 -12.17 -8.43
N LEU A 222 -26.88 -12.01 -8.92
CA LEU A 222 -25.71 -11.98 -8.06
C LEU A 222 -25.20 -10.72 -7.42
N GLN A 223 -25.45 -9.60 -8.05
CA GLN A 223 -24.96 -8.27 -7.60
C GLN A 223 -23.45 -8.23 -7.25
N PRO A 224 -22.66 -8.65 -8.19
CA PRO A 224 -21.23 -8.76 -7.98
C PRO A 224 -20.76 -7.35 -7.79
N TYR A 225 -19.56 -7.17 -7.26
CA TYR A 225 -18.95 -5.85 -7.26
C TYR A 225 -18.36 -5.43 -8.62
N LYS A 226 -17.66 -6.32 -9.33
CA LYS A 226 -17.17 -6.04 -10.68
C LYS A 226 -17.73 -6.98 -11.74
N VAL A 227 -18.08 -6.51 -12.93
CA VAL A 227 -18.29 -7.42 -14.07
C VAL A 227 -17.51 -7.27 -15.38
N VAL A 228 -16.67 -8.25 -15.77
CA VAL A 228 -15.84 -8.11 -16.96
C VAL A 228 -16.10 -9.03 -18.21
N PHE A 229 -16.09 -8.45 -19.41
CA PHE A 229 -16.13 -9.20 -20.67
C PHE A 229 -14.74 -9.46 -21.24
N LEU A 230 -14.22 -10.68 -21.17
CA LEU A 230 -12.94 -10.96 -21.84
C LEU A 230 -13.08 -11.29 -23.35
N THR A 231 -12.36 -10.52 -24.16
CA THR A 231 -12.29 -10.64 -25.63
C THR A 231 -10.88 -10.63 -26.11
N GLY A 232 -10.70 -10.83 -27.40
CA GLY A 232 -9.34 -10.83 -27.84
C GLY A 232 -9.09 -9.36 -28.06
N THR A 233 -10.07 -8.58 -28.43
CA THR A 233 -9.80 -7.15 -28.53
C THR A 233 -9.07 -6.61 -27.28
N GLY A 234 -9.53 -6.96 -26.09
CA GLY A 234 -8.81 -6.57 -24.87
C GLY A 234 -8.56 -5.09 -24.65
N GLY A 235 -9.56 -4.30 -25.00
CA GLY A 235 -9.58 -2.90 -24.66
C GLY A 235 -10.60 -2.38 -25.65
N LEU A 236 -11.01 -1.14 -25.48
CA LEU A 236 -12.01 -0.54 -26.36
C LEU A 236 -11.38 0.75 -26.91
N LEU A 237 -11.92 1.29 -28.00
CA LEU A 237 -11.28 2.41 -28.70
C LEU A 237 -11.98 3.76 -28.93
N ASP A 238 -11.19 4.83 -28.88
CA ASP A 238 -11.63 6.21 -29.13
C ASP A 238 -11.61 6.60 -30.60
N GLU A 239 -11.77 7.91 -30.82
CA GLU A 239 -11.71 8.42 -32.15
C GLU A 239 -10.35 8.02 -32.74
N ASP A 240 -9.26 8.37 -32.05
CA ASP A 240 -7.90 8.12 -32.57
C ASP A 240 -7.44 6.68 -32.51
N GLY A 241 -8.30 5.79 -32.05
CA GLY A 241 -7.93 4.40 -32.00
C GLY A 241 -7.18 3.92 -30.77
N ASP A 242 -6.96 4.80 -29.80
CA ASP A 242 -6.27 4.39 -28.56
C ASP A 242 -7.21 3.72 -27.56
N ILE A 243 -6.66 2.86 -26.72
CA ILE A 243 -7.41 2.25 -25.61
C ILE A 243 -8.01 3.33 -24.67
N LEU A 244 -9.28 3.12 -24.37
CA LEU A 244 -10.18 3.89 -23.49
C LEU A 244 -10.19 3.62 -21.98
N SER A 245 -9.57 4.54 -21.26
CA SER A 245 -9.18 4.38 -19.85
C SER A 245 -10.28 4.54 -18.82
N SER A 246 -11.50 4.85 -19.28
CA SER A 246 -12.70 4.88 -18.42
C SER A 246 -13.84 5.62 -19.10
N ILE A 247 -15.08 5.20 -18.82
CA ILE A 247 -16.24 5.95 -19.27
C ILE A 247 -17.03 6.34 -18.01
N ASN A 248 -17.98 7.26 -18.18
CA ASN A 248 -18.87 7.64 -17.09
C ASN A 248 -20.27 7.84 -17.68
N LEU A 249 -21.11 6.79 -17.61
CA LEU A 249 -22.35 6.72 -18.36
C LEU A 249 -23.19 7.90 -18.02
N ALA A 250 -23.05 8.26 -16.74
CA ALA A 250 -23.82 9.32 -16.17
C ALA A 250 -23.70 10.56 -16.95
N THR A 251 -22.51 10.80 -17.47
CA THR A 251 -22.34 12.01 -18.24
C THR A 251 -22.17 11.64 -19.73
N ASP A 252 -21.58 10.48 -19.97
CA ASP A 252 -20.82 10.34 -21.23
C ASP A 252 -21.73 9.74 -22.21
N PHE A 253 -22.62 8.92 -21.68
CA PHE A 253 -23.49 8.08 -22.45
C PHE A 253 -24.23 8.71 -23.63
N GLY A 254 -24.91 9.84 -23.41
CA GLY A 254 -25.74 10.37 -24.48
C GLY A 254 -24.88 10.71 -25.67
N ASP A 255 -23.83 11.49 -25.41
CA ASP A 255 -22.84 11.89 -26.41
C ASP A 255 -22.36 10.66 -27.13
N LEU A 256 -21.82 9.79 -26.28
CA LEU A 256 -21.32 8.46 -26.62
C LEU A 256 -22.17 7.61 -27.54
N MET A 257 -23.47 7.53 -27.30
CA MET A 257 -24.32 6.89 -28.28
C MET A 257 -24.19 7.69 -29.56
N GLN A 258 -24.14 9.01 -29.40
CA GLN A 258 -24.43 9.90 -30.50
C GLN A 258 -23.24 10.46 -31.26
N ALA A 259 -22.24 9.63 -31.53
CA ALA A 259 -21.14 10.12 -32.34
C ALA A 259 -20.92 9.05 -33.42
N ASP A 260 -20.76 9.53 -34.63
CA ASP A 260 -20.53 8.74 -35.85
C ASP A 260 -19.29 7.84 -35.78
N TRP A 261 -18.19 8.38 -35.27
CA TRP A 261 -16.91 7.68 -35.31
C TRP A 261 -17.16 6.46 -34.44
N VAL A 262 -17.92 6.68 -33.38
CA VAL A 262 -18.37 5.60 -32.51
C VAL A 262 -19.05 4.71 -33.52
N ASN A 263 -18.48 3.54 -33.76
CA ASN A 263 -19.02 2.70 -34.82
C ASN A 263 -20.21 1.93 -34.29
N GLY A 264 -20.99 1.39 -35.21
CA GLY A 264 -22.20 0.69 -34.86
C GLY A 264 -21.99 -0.16 -33.61
N GLY A 265 -21.05 -1.09 -33.69
CA GLY A 265 -20.72 -1.95 -32.58
C GLY A 265 -20.67 -1.27 -31.23
N MET A 266 -19.89 -0.20 -31.12
CA MET A 266 -19.58 0.43 -29.83
C MET A 266 -20.75 1.13 -29.13
N ARG A 267 -21.89 1.30 -29.81
CA ARG A 267 -22.99 2.04 -29.20
C ARG A 267 -23.81 1.08 -28.30
N LEU A 268 -24.01 -0.15 -28.78
CA LEU A 268 -24.80 -1.19 -28.11
C LEU A 268 -24.30 -1.84 -26.81
N LYS A 269 -23.01 -2.14 -26.73
CA LYS A 269 -22.44 -2.76 -25.53
C LYS A 269 -22.66 -1.71 -24.51
N LEU A 270 -22.43 -0.48 -24.93
CA LEU A 270 -22.59 0.67 -24.05
C LEU A 270 -24.10 0.65 -23.65
N GLU A 271 -25.04 0.54 -24.59
CA GLU A 271 -26.41 0.32 -24.17
C GLU A 271 -26.56 -0.73 -23.03
N GLU A 272 -25.94 -1.89 -23.27
CA GLU A 272 -26.09 -3.04 -22.39
C GLU A 272 -25.38 -2.84 -21.06
N ILE A 273 -24.16 -2.32 -21.08
CA ILE A 273 -23.34 -2.05 -19.85
C ILE A 273 -24.04 -1.00 -18.94
N LYS A 274 -24.75 -0.07 -19.58
CA LYS A 274 -25.52 0.89 -18.80
C LYS A 274 -26.64 0.19 -18.06
N ARG A 275 -27.35 -0.72 -18.72
CA ARG A 275 -28.33 -1.49 -18.00
C ARG A 275 -27.75 -2.33 -16.91
N LEU A 276 -26.70 -3.08 -17.22
CA LEU A 276 -25.99 -3.91 -16.24
C LEU A 276 -25.63 -3.16 -15.01
N LEU A 277 -24.94 -2.04 -15.19
CA LEU A 277 -24.78 -1.10 -14.08
C LEU A 277 -25.99 -0.28 -13.62
N ASP A 278 -26.95 -0.08 -14.49
CA ASP A 278 -28.06 0.71 -14.05
C ASP A 278 -28.84 -0.14 -13.08
N ASP A 279 -28.62 -1.46 -13.16
CA ASP A 279 -29.32 -2.40 -12.30
C ASP A 279 -28.51 -3.01 -11.16
N LEU A 280 -27.27 -2.54 -10.98
CA LEU A 280 -26.39 -2.88 -9.86
C LEU A 280 -26.09 -1.66 -9.03
N PRO A 281 -25.60 -1.87 -7.81
CA PRO A 281 -25.16 -0.62 -7.18
C PRO A 281 -24.07 0.08 -7.97
N LEU A 282 -23.98 1.39 -7.81
CA LEU A 282 -22.92 2.17 -8.42
C LEU A 282 -21.56 1.63 -7.98
N SER A 283 -21.48 1.10 -6.76
CA SER A 283 -20.20 0.70 -6.18
C SER A 283 -19.45 -0.27 -7.06
N SER A 284 -20.19 -0.73 -8.03
CA SER A 284 -19.79 -1.61 -9.11
C SER A 284 -18.91 -0.91 -10.17
N SER A 285 -18.20 -1.71 -10.96
CA SER A 285 -17.40 -1.18 -12.05
C SER A 285 -17.22 -2.21 -13.20
N VAL A 286 -16.40 -1.88 -14.19
CA VAL A 286 -16.23 -2.85 -15.25
C VAL A 286 -15.03 -2.68 -16.19
N SER A 287 -14.32 -3.75 -16.58
CA SER A 287 -13.26 -3.55 -17.52
C SER A 287 -13.65 -4.35 -18.72
N ILE A 288 -12.94 -4.25 -19.81
CA ILE A 288 -13.16 -5.17 -20.92
C ILE A 288 -11.76 -5.19 -21.44
N THR A 289 -11.17 -6.34 -21.47
CA THR A 289 -9.77 -6.27 -21.69
C THR A 289 -9.25 -7.62 -22.19
N ARG A 290 -7.98 -7.64 -22.54
CA ARG A 290 -7.33 -8.86 -22.97
C ARG A 290 -6.72 -9.39 -21.70
N PRO A 291 -6.57 -10.71 -21.62
CA PRO A 291 -6.04 -11.33 -20.41
C PRO A 291 -4.75 -10.71 -19.95
N SER A 292 -3.88 -10.34 -20.89
CA SER A 292 -2.58 -9.80 -20.49
C SER A 292 -2.56 -8.48 -19.73
N GLU A 293 -3.63 -7.70 -19.78
CA GLU A 293 -3.56 -6.40 -19.14
C GLU A 293 -4.48 -6.52 -17.95
N LEU A 294 -4.93 -7.74 -17.71
CA LEU A 294 -5.88 -8.00 -16.65
C LEU A 294 -5.18 -7.60 -15.36
N ALA A 295 -3.94 -8.00 -15.17
CA ALA A 295 -3.27 -7.62 -13.93
C ALA A 295 -3.28 -6.10 -13.60
N ARG A 296 -2.74 -5.26 -14.47
CA ARG A 296 -2.68 -3.77 -14.31
C ARG A 296 -4.01 -2.98 -14.10
N GLU A 297 -5.12 -3.49 -14.63
CA GLU A 297 -6.50 -2.92 -14.57
C GLU A 297 -7.32 -2.89 -13.26
N LEU A 298 -7.41 -3.98 -12.50
CA LEU A 298 -8.23 -3.90 -11.29
C LEU A 298 -7.69 -3.15 -10.05
N PHE A 299 -6.39 -3.18 -9.91
CA PHE A 299 -5.63 -2.81 -8.72
C PHE A 299 -4.62 -1.66 -8.87
N THR A 300 -4.60 -1.00 -10.03
CA THR A 300 -3.79 0.22 -10.17
C THR A 300 -4.51 1.53 -10.58
N HIS A 301 -3.79 2.66 -10.47
CA HIS A 301 -4.33 3.97 -10.87
C HIS A 301 -3.90 4.52 -12.21
N ALA A 302 -3.72 3.59 -13.14
CA ALA A 302 -3.67 3.88 -14.56
C ALA A 302 -4.34 2.68 -15.16
N GLY A 303 -3.54 1.66 -15.46
CA GLY A 303 -4.06 0.43 -16.03
C GLY A 303 -4.08 0.35 -17.55
N SER A 304 -4.65 -0.73 -18.08
CA SER A 304 -4.72 -1.00 -19.53
C SER A 304 -5.98 -1.84 -19.92
N GLY A 305 -7.11 -1.14 -20.16
CA GLY A 305 -8.38 -1.75 -20.48
C GLY A 305 -9.51 -0.74 -20.27
N THR A 306 -10.76 -1.09 -20.56
CA THR A 306 -11.84 -0.19 -20.13
C THR A 306 -12.60 -0.54 -18.88
N LEU A 307 -12.61 0.41 -17.94
CA LEU A 307 -13.40 0.31 -16.72
C LEU A 307 -14.64 1.19 -16.96
N ILE A 308 -15.84 0.70 -16.67
CA ILE A 308 -17.08 1.46 -16.88
C ILE A 308 -17.95 1.48 -15.63
N ARG A 309 -18.33 2.68 -15.19
CA ARG A 309 -19.22 2.90 -14.03
C ARG A 309 -20.46 3.61 -14.48
N ARG A 310 -21.31 4.01 -13.57
CA ARG A 310 -22.33 4.79 -14.16
C ARG A 310 -21.83 6.17 -13.79
N GLY A 311 -21.34 6.28 -12.56
CA GLY A 311 -20.65 7.46 -12.07
C GLY A 311 -21.89 8.34 -11.98
N GLU A 312 -21.75 9.66 -12.04
CA GLU A 312 -22.84 10.55 -11.63
C GLU A 312 -22.70 11.74 -12.56
N ARG A 313 -23.78 12.45 -12.83
CA ARG A 313 -23.57 13.65 -13.62
C ARG A 313 -22.84 14.67 -12.81
N ILE A 314 -22.14 15.55 -13.52
CA ILE A 314 -21.66 16.75 -12.90
C ILE A 314 -22.54 17.87 -13.38
N VAL A 315 -22.93 18.72 -12.43
CA VAL A 315 -23.66 19.93 -12.76
C VAL A 315 -22.61 21.02 -12.76
N ALA A 316 -22.82 21.99 -13.63
CA ALA A 316 -21.84 22.98 -14.01
C ALA A 316 -22.48 24.29 -13.65
N THR A 317 -22.35 25.28 -14.54
CA THR A 317 -23.02 26.59 -14.46
C THR A 317 -22.12 27.69 -13.88
N ASP A 318 -22.32 28.93 -14.33
CA ASP A 318 -21.75 30.14 -13.70
C ASP A 318 -22.68 30.79 -12.70
N ASP A 319 -23.78 30.12 -12.40
CA ASP A 319 -24.92 30.77 -11.77
C ASP A 319 -25.01 30.35 -10.33
N LYS A 320 -24.30 31.10 -9.50
CA LYS A 320 -24.30 30.87 -8.06
C LYS A 320 -25.75 30.69 -7.52
N SER A 321 -26.72 31.28 -8.18
CA SER A 321 -28.12 31.22 -7.71
C SER A 321 -28.87 29.95 -7.93
N SER A 322 -28.38 29.15 -8.85
CA SER A 322 -28.98 27.85 -9.14
C SER A 322 -28.47 26.73 -8.23
N LEU A 323 -27.59 27.06 -7.30
CA LEU A 323 -27.04 26.04 -6.40
C LEU A 323 -27.63 26.16 -4.97
N ASP A 324 -27.78 25.01 -4.31
CA ASP A 324 -28.25 24.85 -2.92
C ASP A 324 -27.25 25.02 -1.77
N LEU A 325 -27.16 26.27 -1.29
CA LEU A 325 -26.24 26.67 -0.24
C LEU A 325 -26.40 26.00 1.10
N GLY A 326 -27.62 25.95 1.59
CA GLY A 326 -27.95 25.17 2.75
C GLY A 326 -27.30 23.82 2.63
N ARG A 327 -27.60 23.20 1.48
CA ARG A 327 -27.06 21.91 1.11
C ARG A 327 -25.54 21.88 0.87
N LEU A 328 -24.97 22.89 0.19
CA LEU A 328 -23.52 22.88 -0.04
C LEU A 328 -22.71 23.05 1.22
N ASP A 329 -23.20 23.93 2.08
CA ASP A 329 -22.69 24.17 3.41
C ASP A 329 -22.79 22.79 4.05
N ASN A 330 -23.83 22.04 3.67
CA ASN A 330 -23.99 20.68 4.20
C ASN A 330 -22.96 19.72 3.59
N LEU A 331 -22.59 19.95 2.32
CA LEU A 331 -21.48 19.22 1.65
C LEU A 331 -20.08 19.44 2.26
N VAL A 332 -19.79 20.72 2.43
CA VAL A 332 -18.55 21.26 3.00
C VAL A 332 -18.22 20.90 4.44
N LYS A 333 -19.25 20.93 5.27
CA LYS A 333 -19.09 20.64 6.67
C LYS A 333 -18.56 19.22 6.79
N ALA A 334 -19.03 18.32 5.93
CA ALA A 334 -18.53 16.94 5.98
C ALA A 334 -17.17 16.64 5.30
N ALA A 335 -16.87 17.21 4.14
CA ALA A 335 -15.56 16.96 3.50
C ALA A 335 -14.33 17.40 4.29
N PHE A 336 -14.15 18.71 4.44
CA PHE A 336 -13.08 19.27 5.27
C PHE A 336 -13.51 19.01 6.71
N GLY A 337 -14.24 19.92 7.33
CA GLY A 337 -14.47 19.77 8.75
C GLY A 337 -14.84 21.01 9.52
N ARG A 338 -15.11 22.09 8.80
CA ARG A 338 -15.36 23.38 9.41
C ARG A 338 -16.56 23.97 8.72
N PRO A 339 -17.25 24.89 9.39
CA PRO A 339 -18.26 25.42 8.50
C PRO A 339 -17.71 26.77 8.05
N ALA A 340 -18.18 27.22 6.91
CA ALA A 340 -17.79 28.54 6.42
C ALA A 340 -18.20 29.62 7.42
N VAL A 341 -17.41 30.68 7.53
CA VAL A 341 -17.75 31.82 8.35
C VAL A 341 -19.04 32.48 7.94
N GLU A 342 -19.66 33.17 8.88
CA GLU A 342 -20.93 33.83 8.61
C GLU A 342 -20.87 34.80 7.40
N GLY A 343 -22.01 34.96 6.73
CA GLY A 343 -22.18 35.92 5.65
C GLY A 343 -21.36 35.55 4.42
N TYR A 344 -20.64 34.44 4.51
CA TYR A 344 -19.71 34.01 3.47
C TYR A 344 -20.23 33.68 2.07
N TRP A 345 -21.24 32.82 1.98
CA TRP A 345 -21.74 32.39 0.67
C TRP A 345 -22.37 33.48 -0.13
N ASP A 346 -22.94 34.42 0.59
CA ASP A 346 -23.49 35.62 0.03
C ASP A 346 -22.33 36.35 -0.61
N ARG A 347 -21.25 36.51 0.15
CA ARG A 347 -20.10 37.24 -0.35
C ARG A 347 -19.38 36.59 -1.51
N LEU A 348 -19.47 35.28 -1.64
CA LEU A 348 -18.64 34.60 -2.63
C LEU A 348 -18.95 35.21 -3.99
N ARG A 349 -17.97 35.50 -4.82
CA ARG A 349 -18.33 35.96 -6.18
C ARG A 349 -18.59 34.91 -7.23
N VAL A 350 -17.57 34.17 -7.65
CA VAL A 350 -17.85 32.97 -8.43
C VAL A 350 -17.96 33.04 -9.94
N ASP A 351 -17.11 32.23 -10.55
CA ASP A 351 -16.74 32.18 -11.96
C ASP A 351 -17.38 30.99 -12.64
N ARG A 352 -17.14 29.81 -12.10
CA ARG A 352 -17.81 28.61 -12.61
C ARG A 352 -17.95 27.56 -11.50
N ALA A 353 -19.09 26.85 -11.47
CA ALA A 353 -19.43 25.88 -10.42
C ALA A 353 -19.80 24.46 -10.92
N PHE A 354 -19.13 23.46 -10.38
CA PHE A 354 -19.36 22.03 -10.64
C PHE A 354 -19.90 21.13 -9.55
N VAL A 355 -21.19 20.86 -9.56
CA VAL A 355 -21.71 19.98 -8.55
C VAL A 355 -22.28 18.73 -9.19
N THR A 356 -21.90 17.60 -8.66
CA THR A 356 -22.34 16.33 -9.19
C THR A 356 -23.72 16.23 -8.58
N GLU A 357 -24.63 15.68 -9.35
CA GLU A 357 -26.05 15.69 -9.08
C GLU A 357 -26.46 15.51 -7.61
N SER A 358 -25.74 14.66 -6.87
CA SER A 358 -26.05 14.35 -5.48
C SER A 358 -25.56 15.27 -4.34
N TYR A 359 -24.91 16.36 -4.70
CA TYR A 359 -24.33 17.31 -3.75
C TYR A 359 -23.42 16.66 -2.72
N ARG A 360 -22.66 15.67 -3.15
CA ARG A 360 -21.63 15.07 -2.33
C ARG A 360 -20.18 15.37 -2.81
N ALA A 361 -20.07 15.90 -4.02
CA ALA A 361 -18.80 16.38 -4.60
C ALA A 361 -18.99 17.70 -5.36
N ALA A 362 -18.09 18.66 -5.15
CA ALA A 362 -18.13 19.96 -5.84
C ALA A 362 -16.79 20.76 -6.01
N ALA A 363 -16.64 21.45 -7.15
CA ALA A 363 -15.53 22.38 -7.41
C ALA A 363 -15.93 23.84 -7.77
N ILE A 364 -15.35 24.83 -7.07
CA ILE A 364 -15.56 26.30 -7.26
C ILE A 364 -14.52 27.42 -7.62
N THR A 365 -14.76 28.15 -8.72
CA THR A 365 -13.83 29.15 -9.26
C THR A 365 -14.24 30.59 -8.90
N THR A 366 -13.37 31.37 -8.24
CA THR A 366 -13.67 32.80 -8.12
C THR A 366 -12.67 33.37 -9.06
N ARG A 367 -12.51 34.68 -9.04
CA ARG A 367 -11.51 35.18 -9.94
C ARG A 367 -10.43 35.96 -9.19
N LEU A 368 -9.41 36.37 -9.92
CA LEU A 368 -8.30 37.06 -9.34
C LEU A 368 -7.36 37.39 -10.45
N ASP A 369 -7.11 38.68 -10.56
CA ASP A 369 -6.27 39.30 -11.55
C ASP A 369 -6.32 38.57 -12.91
N GLY A 370 -7.52 38.09 -13.24
CA GLY A 370 -7.79 37.29 -14.42
C GLY A 370 -7.65 35.79 -14.33
N TRP A 371 -6.76 35.34 -13.45
CA TRP A 371 -6.58 33.92 -13.21
C TRP A 371 -7.74 33.20 -12.52
N VAL A 372 -8.23 32.15 -13.17
CA VAL A 372 -9.17 31.18 -12.61
C VAL A 372 -8.57 30.66 -11.33
N TYR A 373 -9.26 30.76 -10.23
CA TYR A 373 -8.72 30.42 -8.93
C TYR A 373 -9.50 29.37 -8.23
N LEU A 374 -8.88 28.27 -7.91
CA LEU A 374 -9.65 27.29 -7.22
C LEU A 374 -9.89 27.70 -5.78
N ASP A 375 -11.15 27.93 -5.44
CA ASP A 375 -11.50 28.43 -4.12
C ASP A 375 -11.74 27.34 -3.07
N LYS A 376 -12.61 26.39 -3.38
CA LYS A 376 -12.92 25.23 -2.53
C LYS A 376 -13.01 23.96 -3.32
N PHE A 377 -12.33 22.94 -2.81
CA PHE A 377 -12.54 21.60 -3.33
C PHE A 377 -12.81 20.51 -2.32
N ALA A 378 -14.08 20.09 -2.26
CA ALA A 378 -14.56 19.17 -1.25
C ALA A 378 -15.27 17.92 -1.82
N VAL A 379 -14.81 16.74 -1.42
CA VAL A 379 -15.26 15.44 -1.90
C VAL A 379 -15.30 14.67 -0.63
N LEU A 380 -16.50 14.20 -0.37
CA LEU A 380 -16.81 13.36 0.76
C LEU A 380 -16.19 12.00 0.57
N ASP A 381 -15.96 11.36 1.69
CA ASP A 381 -15.26 10.10 1.72
C ASP A 381 -15.90 9.13 0.77
N ASP A 382 -17.22 9.13 0.70
CA ASP A 382 -17.88 8.18 -0.18
C ASP A 382 -17.59 8.47 -1.65
N ALA A 383 -17.71 9.73 -2.03
CA ALA A 383 -17.39 10.16 -3.38
C ALA A 383 -15.98 9.91 -3.95
N ARG A 384 -14.94 10.20 -3.18
CA ARG A 384 -13.57 9.88 -3.58
CA ARG A 384 -13.58 9.87 -3.59
C ARG A 384 -13.48 8.39 -3.98
N GLY A 385 -13.88 7.48 -3.10
CA GLY A 385 -13.85 6.04 -3.38
C GLY A 385 -14.62 5.54 -4.59
N GLU A 386 -15.64 6.30 -4.99
CA GLU A 386 -16.38 5.94 -6.18
C GLU A 386 -15.58 6.38 -7.41
N GLY A 387 -14.55 7.18 -7.15
CA GLY A 387 -13.67 7.76 -8.16
C GLY A 387 -14.28 9.02 -8.77
N LEU A 388 -15.18 9.62 -8.01
CA LEU A 388 -15.87 10.87 -8.34
C LEU A 388 -15.32 12.23 -8.04
N GLY A 389 -14.75 12.33 -6.86
CA GLY A 389 -13.93 13.45 -6.54
C GLY A 389 -13.17 13.66 -7.79
N ARG A 390 -12.70 12.59 -8.42
CA ARG A 390 -11.92 12.66 -9.68
C ARG A 390 -12.60 13.06 -11.02
N THR A 391 -13.86 12.70 -11.31
CA THR A 391 -14.50 13.20 -12.56
C THR A 391 -14.57 14.72 -12.48
N VAL A 392 -15.05 15.20 -11.33
CA VAL A 392 -15.13 16.60 -11.02
C VAL A 392 -14.00 17.49 -11.49
N TRP A 393 -12.85 17.08 -11.05
CA TRP A 393 -11.64 17.75 -11.27
C TRP A 393 -11.61 17.86 -12.79
N ASN A 394 -12.09 16.85 -13.50
CA ASN A 394 -11.95 16.88 -14.95
C ASN A 394 -12.67 17.93 -15.80
N ARG A 395 -13.94 18.23 -15.55
CA ARG A 395 -14.53 19.29 -16.37
C ARG A 395 -13.81 20.59 -15.98
N LEU A 396 -13.34 20.66 -14.73
CA LEU A 396 -12.73 21.86 -14.16
C LEU A 396 -11.45 22.23 -14.86
N VAL A 397 -10.78 21.23 -15.41
CA VAL A 397 -9.56 21.52 -16.13
C VAL A 397 -9.77 21.57 -17.60
N ASP A 398 -10.76 20.85 -18.07
CA ASP A 398 -11.09 21.02 -19.45
C ASP A 398 -11.45 22.54 -19.62
N TYR A 399 -12.23 23.10 -18.69
CA TYR A 399 -12.59 24.54 -18.73
C TYR A 399 -11.46 25.53 -18.35
N ALA A 400 -10.64 25.21 -17.36
CA ALA A 400 -9.56 26.13 -17.00
C ALA A 400 -8.10 25.65 -17.09
N PRO A 401 -7.53 25.52 -18.30
CA PRO A 401 -6.14 25.16 -18.65
C PRO A 401 -5.10 25.98 -17.91
N GLN A 402 -5.43 27.23 -17.63
CA GLN A 402 -4.55 28.02 -16.80
C GLN A 402 -5.27 28.13 -15.49
N LEU A 403 -4.65 27.67 -14.41
CA LEU A 403 -5.40 27.60 -13.16
C LEU A 403 -4.48 27.84 -11.97
N ILE A 404 -4.94 28.63 -11.02
CA ILE A 404 -4.29 28.76 -9.74
C ILE A 404 -5.12 28.30 -8.56
N TRP A 405 -4.46 27.76 -7.56
CA TRP A 405 -5.09 27.42 -6.29
C TRP A 405 -4.13 27.34 -5.14
N ARG A 406 -4.67 27.22 -3.93
CA ARG A 406 -3.80 27.03 -2.79
C ARG A 406 -4.21 25.89 -1.94
N SER A 407 -3.57 25.72 -0.78
CA SER A 407 -3.69 24.47 0.02
C SER A 407 -2.83 24.32 1.25
N ARG A 408 -3.43 23.81 2.29
CA ARG A 408 -2.72 23.57 3.50
C ARG A 408 -1.68 22.52 3.25
N THR A 409 -0.60 22.64 3.99
CA THR A 409 0.60 21.90 3.81
C THR A 409 0.33 20.42 4.21
N ASN A 410 -0.58 20.27 5.16
CA ASN A 410 -0.94 18.95 5.67
C ASN A 410 -2.11 18.29 4.99
N ASN A 411 -3.05 19.06 4.43
CA ASN A 411 -4.15 18.42 3.70
C ASN A 411 -3.48 17.27 2.95
N PRO A 412 -3.49 16.06 3.53
CA PRO A 412 -2.80 14.88 3.02
C PRO A 412 -3.03 14.62 1.55
N VAL A 413 -3.95 15.37 0.99
CA VAL A 413 -4.31 15.33 -0.42
C VAL A 413 -3.37 16.13 -1.30
N ASN A 414 -2.40 16.77 -0.67
CA ASN A 414 -1.46 17.63 -1.37
C ASN A 414 -0.74 16.96 -2.46
N GLY A 415 -0.48 15.71 -2.22
CA GLY A 415 0.20 14.94 -3.18
C GLY A 415 -0.50 14.83 -4.52
N PHE A 416 -1.81 14.71 -4.54
CA PHE A 416 -2.46 14.66 -5.85
C PHE A 416 -2.22 16.03 -6.48
N TYR A 417 -2.32 17.10 -5.69
CA TYR A 417 -2.06 18.41 -6.29
C TYR A 417 -0.67 18.50 -6.95
N PHE A 418 0.39 18.09 -6.27
CA PHE A 418 1.71 18.05 -6.90
C PHE A 418 1.72 17.16 -8.19
N GLU A 419 1.19 15.93 -8.14
CA GLU A 419 1.09 15.19 -9.42
C GLU A 419 0.47 15.83 -10.58
N GLU A 420 -0.36 16.81 -10.33
CA GLU A 420 -1.03 17.33 -11.48
C GLU A 420 -0.55 18.70 -11.92
N CYS A 421 0.07 19.44 -11.02
CA CYS A 421 0.37 20.80 -11.40
C CYS A 421 1.56 20.95 -12.24
N ASP A 422 1.72 22.15 -12.77
CA ASP A 422 2.93 22.51 -13.42
C ASP A 422 3.48 23.63 -12.58
N GLY A 423 3.17 23.67 -11.30
CA GLY A 423 3.77 24.67 -10.45
C GLY A 423 3.51 24.42 -8.98
N ALA A 424 4.37 24.96 -8.14
CA ALA A 424 4.28 24.73 -6.73
C ALA A 424 4.78 25.92 -6.01
N VAL A 425 4.64 25.96 -4.70
CA VAL A 425 5.26 26.98 -3.90
C VAL A 425 5.02 26.72 -2.45
N ARG A 426 5.97 26.27 -1.65
CA ARG A 426 5.68 25.90 -0.25
C ARG A 426 6.21 26.80 0.87
N ARG A 427 5.37 27.18 1.82
CA ARG A 427 5.90 27.86 2.99
C ARG A 427 5.50 26.95 4.15
N ASP A 428 5.81 27.31 5.38
CA ASP A 428 5.63 26.38 6.49
C ASP A 428 4.20 25.94 6.56
N GLU A 429 3.31 26.90 6.61
CA GLU A 429 1.89 26.63 6.77
C GLU A 429 1.06 26.31 5.53
N TRP A 430 1.34 27.03 4.46
CA TRP A 430 0.52 26.96 3.27
C TRP A 430 1.39 26.69 2.07
N THR A 431 0.76 26.34 0.96
CA THR A 431 1.50 26.06 -0.22
C THR A 431 0.69 26.53 -1.41
N VAL A 432 1.24 27.37 -2.24
CA VAL A 432 0.45 27.83 -3.36
C VAL A 432 0.90 27.07 -4.59
N PHE A 433 -0.06 26.60 -5.33
CA PHE A 433 0.18 25.79 -6.50
C PHE A 433 -0.31 26.44 -7.74
N TRP A 434 0.23 26.07 -8.89
CA TRP A 434 -0.45 26.50 -10.12
C TRP A 434 -0.35 25.41 -11.15
N ARG A 435 -1.32 25.42 -12.06
CA ARG A 435 -1.29 24.55 -13.21
C ARG A 435 -1.42 25.19 -14.56
N GLY A 436 -0.29 25.48 -15.18
CA GLY A 436 -0.32 26.02 -16.50
C GLY A 436 1.08 26.32 -16.95
N GLU A 437 1.27 26.33 -18.24
CA GLU A 437 2.55 26.65 -18.81
C GLU A 437 2.84 28.13 -18.66
N MET A 438 3.07 28.58 -17.44
CA MET A 438 3.42 29.98 -17.22
C MET A 438 4.83 30.04 -16.66
N GLY A 439 5.55 31.14 -16.86
CA GLY A 439 6.83 31.24 -16.18
C GLY A 439 6.62 31.89 -14.82
N PRO A 440 7.34 31.41 -13.77
CA PRO A 440 7.18 31.98 -12.42
C PRO A 440 7.07 33.51 -12.28
N VAL A 441 7.69 34.35 -13.14
CA VAL A 441 7.56 35.80 -12.95
C VAL A 441 6.11 36.25 -12.95
N GLU A 442 5.39 35.71 -13.92
CA GLU A 442 3.99 36.01 -14.15
C GLU A 442 3.28 35.60 -12.90
N VAL A 443 3.38 34.31 -12.70
CA VAL A 443 2.81 33.60 -11.60
C VAL A 443 3.05 34.25 -10.25
N ALA A 444 4.31 34.57 -9.96
CA ALA A 444 4.64 35.16 -8.66
C ALA A 444 3.60 36.18 -8.25
N ASP A 445 3.13 37.02 -9.16
CA ASP A 445 2.19 38.03 -8.73
C ASP A 445 0.89 37.37 -8.22
N VAL A 446 0.14 36.66 -9.05
CA VAL A 446 -1.11 36.04 -8.54
C VAL A 446 -0.78 35.15 -7.35
N VAL A 447 0.33 34.41 -7.42
CA VAL A 447 0.76 33.61 -6.27
C VAL A 447 0.92 34.34 -4.96
N GLU A 448 1.67 35.43 -5.00
CA GLU A 448 1.81 36.30 -3.83
C GLU A 448 0.40 36.57 -3.35
N LYS A 449 -0.51 36.81 -4.28
CA LYS A 449 -1.89 37.05 -3.95
C LYS A 449 -2.39 35.80 -3.27
N ALA A 450 -2.18 34.66 -3.91
CA ALA A 450 -2.65 33.43 -3.32
C ALA A 450 -2.17 33.20 -1.90
N PHE A 451 -0.94 33.55 -1.56
CA PHE A 451 -0.53 33.32 -0.19
C PHE A 451 -1.29 34.26 0.66
N ALA A 452 -1.72 35.36 0.04
CA ALA A 452 -2.29 36.37 0.88
C ALA A 452 -3.75 36.10 1.12
N LEU A 453 -4.42 35.37 0.23
CA LEU A 453 -5.81 35.12 0.52
C LEU A 453 -5.86 34.54 1.96
N PRO A 454 -6.93 34.87 2.70
CA PRO A 454 -7.24 34.50 4.10
C PRO A 454 -7.88 33.11 4.26
N PRO A 455 -7.82 32.53 5.47
CA PRO A 455 -8.46 31.20 5.54
C PRO A 455 -9.98 31.30 5.48
N THR A 456 -10.57 30.41 4.69
CA THR A 456 -12.01 30.34 4.42
C THR A 456 -12.77 29.47 5.44
N LEU A 457 -12.01 28.63 6.11
CA LEU A 457 -12.55 27.73 7.13
C LEU A 457 -12.03 28.38 8.41
N GLU A 458 -12.73 28.23 9.54
CA GLU A 458 -12.15 28.81 10.75
C GLU A 458 -10.84 28.14 11.26
N ALA A 459 -10.46 28.42 12.50
CA ALA A 459 -9.11 28.09 13.05
C ALA A 459 -8.55 26.68 13.22
N PRO A 460 -7.19 26.61 13.27
CA PRO A 460 -6.35 25.41 13.41
C PRO A 460 -6.67 24.60 14.67
N ALA B 25 3.11 -28.30 10.52
CA ALA B 25 4.45 -28.28 9.96
C ALA B 25 4.48 -28.53 8.44
N PRO B 26 3.58 -29.38 7.93
CA PRO B 26 3.61 -29.60 6.49
C PRO B 26 3.03 -28.40 5.77
N GLY B 27 1.83 -28.00 6.18
CA GLY B 27 1.12 -26.94 5.50
C GLY B 27 1.72 -25.56 5.69
N VAL B 28 2.53 -25.38 6.72
CA VAL B 28 3.04 -24.06 7.09
C VAL B 28 4.09 -23.49 6.13
N ARG B 29 5.33 -23.95 6.28
CA ARG B 29 6.44 -23.43 5.49
C ARG B 29 6.10 -23.22 4.01
N GLN B 30 5.50 -24.23 3.38
CA GLN B 30 5.17 -24.15 1.96
C GLN B 30 4.11 -23.11 1.63
N THR B 31 2.94 -23.21 2.27
CA THR B 31 1.86 -22.27 2.01
C THR B 31 2.28 -20.87 2.52
N ILE B 32 3.52 -20.51 2.21
CA ILE B 32 4.09 -19.20 2.54
C ILE B 32 4.76 -18.56 1.33
N VAL B 33 5.22 -19.36 0.37
CA VAL B 33 5.83 -18.84 -0.87
C VAL B 33 4.83 -18.64 -2.02
N GLN B 34 4.25 -19.74 -2.51
CA GLN B 34 3.26 -19.67 -3.58
C GLN B 34 2.06 -18.85 -3.11
N LEU B 35 2.21 -18.28 -1.92
CA LEU B 35 1.29 -17.32 -1.34
C LEU B 35 1.88 -15.91 -1.55
N LEU B 36 3.06 -15.67 -0.99
CA LEU B 36 3.75 -14.40 -1.23
C LEU B 36 4.56 -14.38 -2.53
N SER B 37 3.98 -14.92 -3.59
CA SER B 37 4.59 -14.90 -4.92
C SER B 37 3.60 -14.34 -5.91
N HIS B 38 2.47 -13.89 -5.38
CA HIS B 38 1.39 -13.37 -6.20
C HIS B 38 1.02 -11.98 -5.74
N MET B 39 2.04 -11.24 -5.31
CA MET B 39 1.88 -9.89 -4.79
C MET B 39 3.09 -9.01 -5.17
N ARG B 40 2.96 -7.69 -5.00
CA ARG B 40 3.99 -6.73 -5.44
C ARG B 40 5.29 -6.73 -4.61
N ASP B 41 5.16 -6.64 -3.29
CA ASP B 41 6.32 -6.62 -2.42
C ASP B 41 6.65 -8.01 -1.86
N GLY B 42 6.84 -8.98 -2.74
CA GLY B 42 7.20 -10.33 -2.35
C GLY B 42 8.69 -10.57 -2.39
N LYS B 43 9.38 -9.84 -3.27
CA LYS B 43 10.83 -9.90 -3.42
C LYS B 43 11.55 -9.37 -2.17
N GLU B 44 11.03 -8.28 -1.57
CA GLU B 44 11.66 -7.71 -0.36
C GLU B 44 11.66 -8.66 0.87
N ILE B 45 10.62 -9.48 1.06
CA ILE B 45 10.65 -10.50 2.14
C ILE B 45 11.61 -11.62 1.84
N ARG B 46 11.50 -12.21 0.65
CA ARG B 46 12.45 -13.22 0.22
C ARG B 46 13.88 -12.68 0.26
N GLU B 47 14.05 -11.40 -0.09
CA GLU B 47 15.37 -10.80 -0.13
C GLU B 47 15.95 -10.25 1.20
N TYR B 48 15.11 -9.77 2.12
CA TYR B 48 15.56 -9.47 3.51
C TYR B 48 15.67 -10.77 4.34
N LEU B 49 14.74 -11.70 4.14
CA LEU B 49 14.76 -13.00 4.83
C LEU B 49 15.89 -13.94 4.37
N HIS B 50 15.99 -14.18 3.06
CA HIS B 50 17.09 -14.97 2.52
C HIS B 50 18.42 -14.31 2.91
N ARG B 51 18.45 -12.99 2.85
CA ARG B 51 19.60 -12.19 3.29
C ARG B 51 19.68 -12.23 4.80
N PHE B 52 18.56 -12.57 5.40
CA PHE B 52 18.43 -12.76 6.84
C PHE B 52 18.72 -14.22 7.13
N SER B 53 19.42 -14.88 6.21
CA SER B 53 19.80 -16.27 6.40
C SER B 53 20.85 -16.38 7.48
N GLY B 54 20.73 -15.52 8.48
CA GLY B 54 21.40 -15.70 9.74
C GLY B 54 20.46 -16.56 10.58
N ILE B 55 20.27 -17.79 10.13
CA ILE B 55 19.60 -18.77 10.95
C ILE B 55 20.41 -18.76 12.24
N ASP B 56 21.68 -19.14 12.10
CA ASP B 56 22.57 -19.30 13.25
C ASP B 56 21.75 -19.78 14.42
N GLN B 57 20.73 -20.57 14.09
CA GLN B 57 19.74 -21.00 15.07
C GLN B 57 18.73 -19.85 15.41
N GLU B 58 19.16 -18.86 16.21
CA GLU B 58 18.31 -17.87 16.88
C GLU B 58 18.92 -16.47 16.72
N ARG B 59 20.10 -16.44 16.08
CA ARG B 59 20.81 -15.20 15.82
C ARG B 59 19.96 -14.29 14.97
N PHE B 60 18.68 -14.65 14.89
CA PHE B 60 17.71 -13.87 14.18
C PHE B 60 17.39 -12.52 14.83
N ALA B 61 16.85 -12.55 16.05
CA ALA B 61 16.29 -11.34 16.61
C ALA B 61 16.15 -11.39 18.10
N VAL B 62 16.50 -10.31 18.78
CA VAL B 62 16.26 -10.17 20.21
C VAL B 62 15.11 -9.20 20.31
N ILE B 63 14.51 -9.05 21.48
CA ILE B 63 13.25 -8.32 21.51
C ILE B 63 12.77 -7.85 22.84
N LYS B 64 13.23 -6.75 23.35
CA LYS B 64 12.76 -6.44 24.68
C LYS B 64 11.28 -6.01 24.74
N VAL B 65 10.64 -6.23 25.89
CA VAL B 65 9.41 -5.50 26.21
C VAL B 65 9.12 -5.08 27.67
N GLY B 66 8.74 -3.81 27.79
CA GLY B 66 8.36 -3.22 29.05
C GLY B 66 7.12 -3.91 29.57
N GLY B 67 7.02 -3.98 30.89
CA GLY B 67 5.88 -4.61 31.51
C GLY B 67 4.54 -4.24 30.91
N ALA B 68 4.35 -2.97 30.55
CA ALA B 68 3.04 -2.50 30.11
C ALA B 68 2.37 -3.32 28.98
N VAL B 69 3.02 -3.40 27.83
CA VAL B 69 2.38 -3.95 26.62
C VAL B 69 1.80 -5.33 26.76
N ILE B 70 2.57 -6.24 27.32
CA ILE B 70 2.04 -7.56 27.58
C ILE B 70 0.69 -7.53 28.34
N GLN B 71 0.56 -6.61 29.30
CA GLN B 71 -0.67 -6.46 30.10
C GLN B 71 -1.85 -5.88 29.33
N ASP B 72 -1.69 -4.65 28.83
CA ASP B 72 -2.80 -3.91 28.23
C ASP B 72 -3.05 -4.34 26.81
N ASP B 73 -2.13 -5.12 26.30
CA ASP B 73 -2.19 -5.51 24.92
C ASP B 73 -1.54 -6.87 24.84
N LEU B 74 -1.92 -7.76 25.75
CA LEU B 74 -1.42 -9.10 25.62
C LEU B 74 -1.43 -9.51 24.14
N PRO B 75 -2.57 -9.34 23.47
CA PRO B 75 -2.79 -9.83 22.10
C PRO B 75 -1.92 -9.28 20.95
N GLY B 76 -1.41 -8.05 21.01
CA GLY B 76 -0.63 -7.53 19.90
C GLY B 76 0.78 -8.08 19.72
N LEU B 77 1.63 -7.92 20.74
CA LEU B 77 2.97 -8.51 20.74
C LEU B 77 2.81 -9.91 20.19
N ALA B 78 1.82 -10.60 20.74
CA ALA B 78 1.54 -11.99 20.42
C ALA B 78 1.27 -12.19 18.94
N SER B 79 0.44 -11.34 18.38
CA SER B 79 0.10 -11.51 16.99
C SER B 79 1.39 -11.37 16.19
N ALA B 80 2.27 -10.50 16.67
CA ALA B 80 3.54 -10.13 16.01
C ALA B 80 4.60 -11.23 15.97
N LEU B 81 4.93 -11.72 17.16
CA LEU B 81 5.90 -12.76 17.35
C LEU B 81 5.62 -13.99 16.48
N ALA B 82 4.35 -14.25 16.19
CA ALA B 82 4.00 -15.43 15.40
C ALA B 82 4.30 -15.26 13.90
N PHE B 83 4.50 -14.02 13.44
CA PHE B 83 4.88 -13.83 12.04
C PHE B 83 6.36 -14.11 11.78
N LEU B 84 7.23 -13.63 12.66
CA LEU B 84 8.66 -13.91 12.51
C LEU B 84 8.95 -15.40 12.43
N GLN B 85 8.39 -16.16 13.37
CA GLN B 85 8.74 -17.56 13.51
C GLN B 85 8.22 -18.45 12.37
N THR B 86 7.03 -18.16 11.86
CA THR B 86 6.45 -18.94 10.77
C THR B 86 7.13 -18.64 9.43
N VAL B 87 7.87 -17.53 9.41
CA VAL B 87 8.52 -17.01 8.23
C VAL B 87 9.91 -17.62 8.06
N GLY B 88 10.39 -18.20 9.17
CA GLY B 88 11.71 -18.79 9.23
C GLY B 88 12.58 -18.02 10.20
N LEU B 89 12.12 -16.83 10.60
CA LEU B 89 12.87 -16.03 11.57
C LEU B 89 12.70 -16.60 12.96
N THR B 90 13.45 -16.08 13.92
CA THR B 90 13.39 -16.63 15.27
C THR B 90 13.54 -15.57 16.37
N PRO B 91 12.43 -14.99 16.82
CA PRO B 91 12.48 -13.95 17.86
C PRO B 91 12.91 -14.61 19.13
N VAL B 92 13.91 -14.07 19.81
CA VAL B 92 14.21 -14.57 21.12
C VAL B 92 13.81 -13.48 22.05
N VAL B 93 12.60 -13.64 22.57
CA VAL B 93 11.91 -12.59 23.26
C VAL B 93 12.18 -12.60 24.75
N VAL B 94 12.13 -11.45 25.38
CA VAL B 94 12.43 -11.29 26.79
C VAL B 94 11.45 -10.34 27.36
N HIS B 95 11.13 -10.48 28.63
CA HIS B 95 10.08 -9.65 29.20
C HIS B 95 10.17 -9.36 30.71
N GLY B 96 9.81 -8.14 31.08
CA GLY B 96 9.71 -7.75 32.46
C GLY B 96 8.24 -7.61 32.74
N GLY B 97 7.90 -7.27 33.96
CA GLY B 97 6.51 -7.11 34.28
C GLY B 97 6.26 -5.72 34.79
N GLY B 98 6.92 -4.75 34.17
CA GLY B 98 6.80 -3.37 34.61
C GLY B 98 5.48 -3.20 35.34
N PRO B 99 4.45 -2.74 34.63
CA PRO B 99 3.12 -2.47 35.20
C PRO B 99 2.44 -3.61 35.98
N GLN B 100 2.38 -4.85 35.49
CA GLN B 100 1.66 -5.87 36.26
C GLN B 100 2.27 -6.13 37.62
N LEU B 101 3.59 -6.03 37.71
CA LEU B 101 4.26 -6.21 38.98
C LEU B 101 4.37 -4.89 39.74
N ASP B 102 4.80 -3.85 39.03
CA ASP B 102 4.89 -2.51 39.60
C ASP B 102 3.64 -2.21 40.41
N ALA B 103 2.49 -2.53 39.82
CA ALA B 103 1.23 -2.13 40.42
C ALA B 103 0.51 -3.22 41.19
N ALA B 104 -0.36 -3.93 40.47
CA ALA B 104 -1.40 -4.74 41.07
C ALA B 104 -0.87 -5.64 42.15
N LEU B 105 -0.27 -6.74 41.73
CA LEU B 105 0.06 -7.80 42.66
C LEU B 105 1.28 -7.51 43.52
N GLU B 106 1.97 -6.41 43.24
CA GLU B 106 2.95 -5.98 44.20
C GLU B 106 2.29 -5.00 45.17
N ALA B 107 1.35 -4.20 44.68
CA ALA B 107 0.59 -3.26 45.52
C ALA B 107 -0.56 -3.94 46.25
N ALA B 108 -0.98 -5.10 45.74
CA ALA B 108 -2.09 -5.85 46.32
C ALA B 108 -1.77 -6.23 47.76
N ASP B 109 -0.91 -7.24 47.91
CA ASP B 109 -0.51 -7.71 49.24
C ASP B 109 0.30 -6.64 49.94
N ILE B 110 0.16 -5.40 49.46
CA ILE B 110 0.91 -4.25 49.96
C ILE B 110 2.35 -4.52 50.40
N PRO B 111 3.17 -5.17 49.56
CA PRO B 111 4.61 -5.19 49.86
C PRO B 111 5.30 -3.84 49.59
N THR B 112 5.32 -3.41 48.32
CA THR B 112 5.95 -2.14 47.88
C THR B 112 7.45 -2.27 47.49
N GLU B 113 7.86 -1.66 46.36
CA GLU B 113 9.23 -1.77 45.82
C GLU B 113 10.18 -0.70 46.36
N ARG B 114 11.38 -1.07 46.78
CA ARG B 114 12.29 -0.09 47.36
C ARG B 114 13.42 0.23 46.38
N VAL B 115 13.52 1.49 45.93
CA VAL B 115 14.60 1.93 45.01
C VAL B 115 15.77 2.60 45.72
N ASP B 116 16.97 2.09 45.51
CA ASP B 116 18.17 2.82 45.92
C ASP B 116 18.84 3.52 44.71
N GLY B 117 19.34 2.75 43.74
CA GLY B 117 19.82 3.34 42.49
C GLY B 117 18.72 3.27 41.44
N LEU B 118 18.30 2.03 41.17
CA LEU B 118 17.08 1.63 40.49
C LEU B 118 16.56 0.39 41.23
N ARG B 119 15.34 0.42 41.73
CA ARG B 119 14.69 -0.76 42.33
C ARG B 119 15.53 -1.67 43.22
N VAL B 120 15.17 -1.77 44.49
CA VAL B 120 15.68 -2.85 45.32
C VAL B 120 14.54 -3.76 45.72
N THR B 121 14.74 -5.03 45.43
CA THR B 121 13.77 -6.01 45.81
C THR B 121 14.47 -6.90 46.82
N ARG B 122 14.14 -6.61 48.08
CA ARG B 122 14.66 -7.31 49.23
C ARG B 122 13.96 -8.67 49.33
N ASP B 123 14.44 -9.56 50.19
CA ASP B 123 13.92 -10.93 50.29
C ASP B 123 12.41 -11.11 50.09
N GLU B 124 11.62 -10.09 50.44
CA GLU B 124 10.16 -10.20 50.43
C GLU B 124 9.55 -10.27 49.03
N ALA B 125 10.16 -9.63 48.05
CA ALA B 125 9.53 -9.52 46.75
C ALA B 125 9.86 -10.69 45.82
N ILE B 126 10.79 -11.55 46.24
CA ILE B 126 11.16 -12.71 45.43
C ILE B 126 9.93 -13.46 44.96
N PRO B 127 9.18 -14.07 45.89
CA PRO B 127 8.08 -14.90 45.41
C PRO B 127 7.08 -14.19 44.49
N ILE B 128 6.89 -12.87 44.62
CA ILE B 128 5.88 -12.18 43.80
C ILE B 128 6.22 -12.15 42.31
N ILE B 129 7.42 -11.67 42.01
CA ILE B 129 7.89 -11.52 40.64
C ILE B 129 7.98 -12.87 39.91
N ARG B 130 8.41 -13.93 40.61
CA ARG B 130 8.42 -15.26 40.04
C ARG B 130 7.01 -15.51 39.61
N ASP B 131 6.19 -15.65 40.62
CA ASP B 131 4.79 -15.99 40.45
C ASP B 131 4.07 -15.07 39.44
N THR B 132 4.44 -13.78 39.37
CA THR B 132 3.76 -12.84 38.47
C THR B 132 4.12 -13.00 36.99
N LEU B 133 5.43 -12.98 36.72
CA LEU B 133 5.96 -13.09 35.36
C LEU B 133 5.64 -14.46 34.86
N THR B 134 6.02 -15.44 35.66
CA THR B 134 5.72 -16.82 35.35
C THR B 134 4.27 -16.96 34.93
N GLN B 135 3.40 -16.16 35.55
CA GLN B 135 2.01 -16.19 35.13
C GLN B 135 1.86 -15.61 33.80
N ALA B 136 2.29 -14.37 33.74
CA ALA B 136 2.21 -13.58 32.55
C ALA B 136 2.98 -14.26 31.45
N ASN B 137 4.04 -14.97 31.82
CA ASN B 137 4.96 -15.50 30.82
C ASN B 137 4.21 -16.54 30.02
N LEU B 138 3.47 -17.34 30.76
CA LEU B 138 2.71 -18.36 30.11
C LEU B 138 1.62 -17.61 29.39
N ALA B 139 1.16 -16.55 30.00
CA ALA B 139 0.12 -15.77 29.37
C ALA B 139 0.61 -15.42 27.97
N LEU B 140 1.87 -15.01 27.88
CA LEU B 140 2.43 -14.63 26.58
C LEU B 140 2.70 -15.85 25.68
N VAL B 141 3.39 -16.85 26.17
CA VAL B 141 3.58 -18.05 25.36
C VAL B 141 2.25 -18.59 24.86
N ASP B 142 1.22 -18.58 25.72
CA ASP B 142 -0.07 -19.05 25.28
C ASP B 142 -0.69 -18.02 24.35
N ALA B 143 -0.58 -16.75 24.72
CA ALA B 143 -0.91 -15.69 23.80
C ALA B 143 -0.22 -15.95 22.45
N ILE B 144 1.01 -16.48 22.48
CA ILE B 144 1.80 -16.74 21.25
C ILE B 144 1.18 -17.84 20.43
N ARG B 145 0.87 -18.94 21.11
CA ARG B 145 0.22 -20.09 20.51
C ARG B 145 -1.20 -19.75 20.07
N ASP B 146 -1.88 -18.90 20.82
CA ASP B 146 -3.22 -18.45 20.45
C ASP B 146 -3.12 -17.90 19.04
N ALA B 147 -2.03 -17.19 18.81
CA ALA B 147 -1.82 -16.47 17.56
C ALA B 147 -1.33 -17.38 16.43
N GLY B 148 -1.19 -18.67 16.68
CA GLY B 148 -0.75 -19.56 15.64
C GLY B 148 0.76 -19.63 15.48
N GLY B 149 1.49 -19.32 16.54
CA GLY B 149 2.92 -19.41 16.49
C GLY B 149 3.39 -20.62 17.26
N ARG B 150 4.69 -20.86 17.23
CA ARG B 150 5.30 -21.92 17.99
C ARG B 150 6.32 -21.27 18.90
N ALA B 151 6.30 -21.66 20.17
CA ALA B 151 7.14 -21.02 21.16
C ALA B 151 7.32 -21.91 22.37
N ALA B 152 8.41 -21.67 23.09
CA ALA B 152 8.62 -22.35 24.34
C ALA B 152 8.83 -21.28 25.37
N ALA B 153 8.30 -21.51 26.56
CA ALA B 153 8.36 -20.55 27.64
C ALA B 153 9.63 -20.82 28.37
N VAL B 154 10.54 -19.87 28.50
CA VAL B 154 11.79 -20.22 29.16
C VAL B 154 12.11 -19.28 30.31
N PRO B 155 11.24 -19.29 31.32
CA PRO B 155 10.93 -18.46 32.47
C PRO B 155 11.75 -18.69 33.73
N ARG B 156 12.80 -19.45 33.63
CA ARG B 156 13.76 -19.45 34.70
C ARG B 156 14.98 -20.01 34.03
N GLY B 157 16.12 -19.81 34.67
CA GLY B 157 17.36 -20.45 34.27
C GLY B 157 18.11 -20.01 33.02
N VAL B 158 18.14 -18.72 32.70
CA VAL B 158 18.94 -18.34 31.55
C VAL B 158 20.02 -17.47 32.08
N PHE B 159 19.63 -16.62 33.01
CA PHE B 159 20.55 -15.69 33.61
C PHE B 159 21.21 -16.26 34.82
N GLU B 160 22.45 -16.69 34.64
CA GLU B 160 23.28 -16.94 35.78
C GLU B 160 23.82 -15.56 36.09
N ALA B 161 23.69 -15.15 37.34
CA ALA B 161 24.03 -13.79 37.72
C ALA B 161 24.54 -13.77 39.16
N ASP B 162 25.47 -12.87 39.46
CA ASP B 162 25.97 -12.71 40.82
C ASP B 162 25.31 -11.56 41.59
N ILE B 163 24.74 -11.87 42.75
CA ILE B 163 24.14 -10.89 43.65
C ILE B 163 25.27 -10.09 44.26
N VAL B 164 25.53 -8.89 43.75
CA VAL B 164 26.67 -8.11 44.27
C VAL B 164 26.34 -6.98 45.25
N ASP B 165 25.94 -7.29 46.49
CA ASP B 165 25.75 -6.23 47.51
C ASP B 165 25.06 -6.63 48.82
N ALA B 166 24.68 -7.90 48.95
CA ALA B 166 24.04 -8.47 50.15
C ALA B 166 23.11 -7.61 51.04
N ASP B 167 23.59 -6.50 51.58
CA ASP B 167 22.84 -5.79 52.62
C ASP B 167 21.88 -4.71 52.11
N LYS B 168 22.42 -3.84 51.27
CA LYS B 168 21.78 -2.60 50.84
C LYS B 168 20.53 -2.81 49.99
N LEU B 169 20.74 -3.17 48.72
CA LEU B 169 19.67 -3.31 47.74
C LEU B 169 18.76 -4.51 48.03
N GLY B 170 19.11 -5.31 49.01
CA GLY B 170 18.30 -6.46 49.36
C GLY B 170 18.69 -7.71 48.58
N ARG B 171 17.86 -8.09 47.62
CA ARG B 171 18.09 -9.32 46.88
C ARG B 171 18.12 -9.10 45.37
N VAL B 172 19.13 -8.38 44.87
CA VAL B 172 19.27 -8.14 43.44
C VAL B 172 20.70 -8.44 42.93
N GLY B 173 20.84 -8.94 41.70
CA GLY B 173 22.13 -9.39 41.18
C GLY B 173 22.58 -8.97 39.77
N GLU B 174 23.51 -9.73 39.18
CA GLU B 174 24.18 -9.32 37.92
C GLU B 174 24.70 -10.48 37.06
N PRO B 175 24.26 -10.53 35.78
CA PRO B 175 24.55 -11.50 34.71
C PRO B 175 26.04 -11.80 34.47
N ARG B 176 26.54 -12.96 34.85
CA ARG B 176 27.98 -13.18 34.65
C ARG B 176 28.25 -14.20 33.57
N HIS B 177 27.28 -15.10 33.37
CA HIS B 177 27.46 -16.15 32.41
C HIS B 177 26.13 -16.60 31.88
N ILE B 178 26.09 -16.87 30.59
CA ILE B 178 24.81 -17.19 29.98
C ILE B 178 24.66 -18.54 29.39
N HIS B 179 23.65 -19.21 29.90
CA HIS B 179 23.27 -20.49 29.38
C HIS B 179 22.21 -20.26 28.30
N LEU B 180 22.70 -20.25 27.08
CA LEU B 180 21.89 -20.17 25.88
C LEU B 180 21.32 -21.54 25.62
N ASP B 181 21.61 -22.46 26.53
CA ASP B 181 21.32 -23.87 26.30
C ASP B 181 19.86 -23.99 26.04
N LEU B 182 19.08 -23.30 26.85
CA LEU B 182 17.63 -23.35 26.84
C LEU B 182 16.96 -22.77 25.62
N VAL B 183 17.45 -21.59 25.23
CA VAL B 183 16.86 -20.86 24.14
C VAL B 183 16.94 -21.72 22.92
N GLY B 184 18.14 -22.22 22.65
CA GLY B 184 18.39 -23.09 21.52
C GLY B 184 17.52 -24.34 21.52
N SER B 185 17.04 -24.76 22.69
CA SER B 185 16.14 -25.91 22.76
C SER B 185 14.76 -25.53 22.30
N ALA B 186 14.37 -24.30 22.54
CA ALA B 186 13.09 -23.84 22.02
C ALA B 186 13.19 -23.50 20.53
N ALA B 187 13.97 -22.48 20.17
CA ALA B 187 14.33 -22.16 18.80
C ALA B 187 14.61 -23.35 17.85
N ARG B 188 15.62 -24.18 18.14
CA ARG B 188 15.94 -25.33 17.27
C ARG B 188 14.68 -26.03 16.78
N ALA B 189 13.64 -25.95 17.59
CA ALA B 189 12.37 -26.63 17.35
C ALA B 189 11.42 -25.70 16.63
N GLY B 190 11.92 -24.51 16.34
CA GLY B 190 11.09 -23.51 15.74
C GLY B 190 10.28 -22.82 16.82
N GLN B 191 10.77 -22.82 18.06
CA GLN B 191 10.07 -22.03 19.08
C GLN B 191 10.68 -20.68 19.39
N ALA B 192 9.78 -19.71 19.48
CA ALA B 192 10.15 -18.43 19.99
C ALA B 192 10.52 -18.63 21.43
N ALA B 193 11.81 -18.48 21.70
CA ALA B 193 12.31 -18.60 23.05
C ALA B 193 11.83 -17.37 23.81
N ILE B 194 10.96 -17.59 24.78
CA ILE B 194 10.34 -16.50 25.51
C ILE B 194 10.86 -16.26 26.93
N LEU B 195 12.17 -16.04 27.04
CA LEU B 195 12.84 -15.92 28.33
C LEU B 195 12.26 -14.85 29.20
N ALA B 196 11.76 -15.19 30.35
CA ALA B 196 11.29 -14.16 31.23
C ALA B 196 12.53 -13.68 32.00
N CYS B 197 12.40 -12.59 32.76
CA CYS B 197 13.58 -11.91 33.34
C CYS B 197 13.92 -12.27 34.76
N LEU B 198 14.09 -13.54 35.03
CA LEU B 198 14.58 -13.92 36.32
C LEU B 198 15.85 -14.73 36.09
N GLY B 199 16.58 -15.01 37.16
CA GLY B 199 17.84 -15.69 37.01
C GLY B 199 18.16 -16.45 38.25
N GLU B 200 19.16 -17.32 38.16
CA GLU B 200 19.65 -18.02 39.32
C GLU B 200 21.14 -17.78 39.43
N THR B 201 21.57 -17.39 40.62
CA THR B 201 22.99 -17.31 40.84
C THR B 201 23.43 -18.75 40.66
N PRO B 202 24.72 -18.96 40.41
CA PRO B 202 25.21 -20.33 40.19
C PRO B 202 25.03 -21.26 41.41
N ASP B 203 24.96 -20.73 42.63
CA ASP B 203 24.67 -21.56 43.80
C ASP B 203 23.17 -21.76 43.95
N GLY B 204 22.40 -20.86 43.35
CA GLY B 204 20.97 -21.00 43.27
C GLY B 204 20.17 -19.78 43.64
N THR B 205 20.76 -18.89 44.41
CA THR B 205 20.00 -17.75 44.93
C THR B 205 19.29 -17.02 43.82
N LEU B 206 17.99 -17.34 43.74
CA LEU B 206 17.05 -16.71 42.83
C LEU B 206 17.23 -15.21 42.92
N VAL B 207 17.25 -14.54 41.77
CA VAL B 207 17.52 -13.10 41.77
C VAL B 207 16.76 -12.34 40.68
N ASN B 208 16.50 -11.05 40.91
CA ASN B 208 15.74 -10.21 39.97
C ASN B 208 16.68 -9.41 39.15
N ILE B 209 16.80 -9.75 37.88
CA ILE B 209 17.66 -8.94 37.08
C ILE B 209 16.73 -7.89 36.55
N ASN B 210 17.11 -6.64 36.69
CA ASN B 210 16.37 -5.63 35.99
C ASN B 210 16.74 -5.94 34.55
N ALA B 211 15.74 -5.90 33.68
CA ALA B 211 15.88 -6.48 32.35
C ALA B 211 16.98 -5.93 31.44
N ASP B 212 17.32 -4.65 31.57
CA ASP B 212 18.29 -4.12 30.63
C ASP B 212 19.60 -4.90 30.69
N VAL B 213 20.23 -4.93 31.87
CA VAL B 213 21.49 -5.65 32.00
C VAL B 213 21.31 -7.03 31.41
N ALA B 214 20.08 -7.50 31.44
CA ALA B 214 19.78 -8.81 30.92
C ALA B 214 19.87 -8.81 29.41
N VAL B 215 19.18 -7.86 28.79
CA VAL B 215 19.12 -7.77 27.34
C VAL B 215 20.51 -7.60 26.76
N ARG B 216 21.30 -6.73 27.35
CA ARG B 216 22.65 -6.53 26.86
C ARG B 216 23.33 -7.89 26.85
N ALA B 217 23.74 -8.35 28.04
CA ALA B 217 24.38 -9.65 28.19
C ALA B 217 23.85 -10.61 27.15
N LEU B 218 22.54 -10.72 27.08
CA LEU B 218 21.87 -11.56 26.10
C LEU B 218 22.23 -11.26 24.61
N VAL B 219 22.06 -10.00 24.18
CA VAL B 219 22.33 -9.58 22.80
C VAL B 219 23.79 -9.77 22.52
N HIS B 220 24.58 -9.49 23.55
CA HIS B 220 25.97 -9.83 23.53
C HIS B 220 26.07 -11.28 23.07
N ALA B 221 25.65 -12.19 23.94
CA ALA B 221 25.79 -13.62 23.72
C ALA B 221 25.26 -14.09 22.37
N LEU B 222 24.19 -13.48 21.92
CA LEU B 222 23.47 -13.95 20.74
C LEU B 222 23.92 -13.38 19.38
N GLN B 223 24.30 -12.10 19.36
CA GLN B 223 24.68 -11.42 18.11
C GLN B 223 23.57 -11.46 17.05
N PRO B 224 22.34 -11.14 17.46
CA PRO B 224 21.23 -11.20 16.53
C PRO B 224 21.50 -10.17 15.46
N TYR B 225 20.74 -10.21 14.37
CA TYR B 225 20.83 -9.22 13.32
C TYR B 225 20.06 -7.94 13.69
N LYS B 226 18.89 -8.10 14.31
CA LYS B 226 18.05 -6.96 14.75
C LYS B 226 17.67 -7.09 16.24
N VAL B 227 17.58 -5.97 16.98
CA VAL B 227 17.08 -5.95 18.37
C VAL B 227 16.06 -4.86 18.73
N VAL B 228 14.83 -5.20 19.07
CA VAL B 228 13.75 -4.21 19.20
C VAL B 228 13.02 -4.04 20.55
N PHE B 229 13.03 -2.92 21.21
CA PHE B 229 12.19 -2.80 22.40
C PHE B 229 10.72 -2.55 22.07
N LEU B 230 9.76 -3.37 22.51
CA LEU B 230 8.33 -3.02 22.32
C LEU B 230 7.64 -2.26 23.50
N THR B 231 7.08 -1.09 23.22
CA THR B 231 6.43 -0.24 24.24
C THR B 231 5.11 0.30 23.75
N GLY B 232 4.38 0.88 24.68
CA GLY B 232 3.13 1.45 24.28
C GLY B 232 3.52 2.58 23.37
N THR B 233 4.52 3.36 23.77
CA THR B 233 4.87 4.53 22.99
C THR B 233 4.92 4.21 21.51
N GLY B 234 5.63 3.16 21.12
CA GLY B 234 5.64 2.73 19.74
C GLY B 234 6.17 3.70 18.71
N GLY B 235 7.23 4.42 19.07
CA GLY B 235 7.92 5.33 18.18
C GLY B 235 8.65 6.21 19.16
N LEU B 236 9.58 7.00 18.65
CA LEU B 236 10.35 7.90 19.48
C LEU B 236 10.23 9.29 18.83
N LEU B 237 10.53 10.36 19.54
CA LEU B 237 10.12 11.68 19.08
C LEU B 237 11.22 12.69 18.96
N ASP B 238 10.99 13.63 18.04
CA ASP B 238 11.88 14.76 17.77
C ASP B 238 11.50 16.01 18.56
N GLU B 239 12.09 17.12 18.14
CA GLU B 239 11.74 18.40 18.71
C GLU B 239 10.23 18.62 18.54
N ASP B 240 9.74 18.53 17.31
CA ASP B 240 8.33 18.84 17.02
C ASP B 240 7.33 17.77 17.49
N GLY B 241 7.84 16.67 18.05
CA GLY B 241 6.97 15.61 18.54
C GLY B 241 6.58 14.54 17.53
N ASP B 242 7.15 14.57 16.33
CA ASP B 242 6.88 13.55 15.32
C ASP B 242 7.74 12.31 15.51
N ILE B 243 7.24 11.18 15.00
CA ILE B 243 8.04 9.96 15.05
C ILE B 243 9.33 10.07 14.24
N LEU B 244 10.38 9.54 14.84
CA LEU B 244 11.76 9.61 14.39
C LEU B 244 12.14 8.40 13.52
N SER B 245 12.31 8.65 12.23
CA SER B 245 12.41 7.63 11.18
C SER B 245 13.79 6.95 11.05
N SER B 246 14.78 7.41 11.81
CA SER B 246 16.10 6.77 11.96
C SER B 246 17.13 7.68 12.64
N ILE B 247 18.10 7.08 13.32
CA ILE B 247 19.22 7.80 13.89
C ILE B 247 20.49 7.19 13.33
N ASN B 248 21.61 7.85 13.57
CA ASN B 248 22.92 7.41 13.09
C ASN B 248 23.95 7.75 14.17
N LEU B 249 24.11 6.86 15.16
CA LEU B 249 24.88 7.14 16.37
C LEU B 249 26.19 7.76 15.97
N ALA B 250 26.78 7.12 14.96
CA ALA B 250 28.08 7.48 14.43
C ALA B 250 28.23 8.98 14.28
N THR B 251 27.18 9.63 13.80
CA THR B 251 27.25 11.06 13.60
C THR B 251 26.39 11.75 14.64
N ASP B 252 25.23 11.18 14.90
CA ASP B 252 24.15 11.92 15.51
C ASP B 252 24.32 11.99 17.00
N PHE B 253 24.87 10.91 17.54
CA PHE B 253 24.92 10.70 18.97
C PHE B 253 25.36 11.88 19.85
N GLY B 254 26.51 12.49 19.54
CA GLY B 254 27.04 13.55 20.39
C GLY B 254 26.03 14.67 20.55
N ASP B 255 25.60 15.21 19.43
CA ASP B 255 24.59 16.25 19.40
C ASP B 255 23.37 15.77 20.16
N LEU B 256 23.00 14.55 19.83
CA LEU B 256 21.81 13.90 20.32
C LEU B 256 21.77 13.80 21.84
N MET B 257 22.87 13.45 22.47
CA MET B 257 22.94 13.52 23.92
C MET B 257 22.71 14.97 24.30
N GLN B 258 23.31 15.86 23.53
CA GLN B 258 23.53 17.23 23.97
C GLN B 258 22.50 18.25 23.51
N ALA B 259 21.22 17.88 23.52
CA ALA B 259 20.15 18.83 23.26
C ALA B 259 19.14 18.79 24.39
N ASP B 260 18.74 19.97 24.84
CA ASP B 260 17.80 20.16 25.93
C ASP B 260 16.40 19.59 25.65
N TRP B 261 15.88 19.86 24.46
CA TRP B 261 14.53 19.40 24.12
C TRP B 261 14.53 17.89 24.22
N VAL B 262 15.65 17.30 23.79
CA VAL B 262 15.91 15.89 24.06
C VAL B 262 15.71 15.77 25.55
N ASN B 263 14.59 15.18 25.96
CA ASN B 263 14.29 15.11 27.38
C ASN B 263 15.18 14.10 28.09
N GLY B 264 15.28 14.22 29.41
CA GLY B 264 16.12 13.35 30.21
C GLY B 264 16.06 11.93 29.69
N GLY B 265 14.87 11.37 29.65
CA GLY B 265 14.64 10.02 29.18
C GLY B 265 15.37 9.66 27.90
N MET B 266 15.20 10.49 26.86
CA MET B 266 15.70 10.14 25.53
C MET B 266 17.23 10.11 25.37
N ARG B 267 17.98 10.59 26.36
CA ARG B 267 19.44 10.59 26.25
C ARG B 267 20.05 9.21 26.58
N LEU B 268 19.47 8.55 27.59
CA LEU B 268 19.97 7.27 28.10
C LEU B 268 19.77 6.04 27.22
N LYS B 269 18.54 5.81 26.74
CA LYS B 269 18.28 4.64 25.88
C LYS B 269 19.28 4.74 24.75
N LEU B 270 19.44 5.95 24.23
CA LEU B 270 20.42 6.22 23.21
C LEU B 270 21.82 5.85 23.74
N GLU B 271 22.13 6.21 24.99
CA GLU B 271 23.37 5.72 25.60
C GLU B 271 23.47 4.22 25.50
N GLU B 272 22.39 3.54 25.89
CA GLU B 272 22.39 2.08 25.94
C GLU B 272 22.41 1.45 24.56
N ILE B 273 21.59 1.97 23.63
CA ILE B 273 21.53 1.43 22.27
C ILE B 273 22.87 1.60 21.50
N LYS B 274 23.62 2.61 21.89
CA LYS B 274 24.92 2.81 21.30
C LYS B 274 25.78 1.65 21.74
N ARG B 275 25.74 1.33 23.03
CA ARG B 275 26.51 0.20 23.51
C ARG B 275 26.08 -1.11 22.86
N LEU B 276 24.77 -1.37 22.85
CA LEU B 276 24.24 -2.60 22.26
C LEU B 276 24.75 -2.79 20.84
N LEU B 277 24.67 -1.74 20.04
CA LEU B 277 25.20 -1.78 18.68
C LEU B 277 26.69 -1.63 18.62
N ASP B 278 27.25 -0.92 19.59
CA ASP B 278 28.69 -0.73 19.60
C ASP B 278 29.30 -2.08 19.83
N ASP B 279 28.50 -2.98 20.37
CA ASP B 279 28.98 -4.30 20.73
C ASP B 279 28.50 -5.39 19.77
N LEU B 280 27.66 -5.02 18.80
CA LEU B 280 27.23 -5.95 17.73
C LEU B 280 27.87 -5.55 16.43
N PRO B 281 27.82 -6.43 15.43
CA PRO B 281 28.24 -5.91 14.13
C PRO B 281 27.32 -4.77 13.72
N LEU B 282 27.86 -3.90 12.89
CA LEU B 282 27.10 -2.79 12.35
C LEU B 282 25.92 -3.32 11.53
N SER B 283 26.10 -4.49 10.91
CA SER B 283 25.10 -5.06 10.01
C SER B 283 23.76 -5.14 10.71
N SER B 284 23.82 -4.90 12.02
CA SER B 284 22.68 -4.86 12.89
C SER B 284 21.91 -3.55 12.79
N SER B 285 20.68 -3.54 13.30
CA SER B 285 19.82 -2.36 13.29
C SER B 285 18.79 -2.42 14.40
N VAL B 286 17.87 -1.47 14.46
CA VAL B 286 17.01 -1.43 15.64
C VAL B 286 15.74 -0.61 15.48
N SER B 287 14.59 -1.14 15.87
CA SER B 287 13.40 -0.31 15.87
C SER B 287 12.97 -0.11 17.31
N ILE B 288 12.00 0.76 17.56
CA ILE B 288 11.32 0.83 18.86
C ILE B 288 9.98 1.30 18.44
N THR B 289 8.98 0.51 18.73
CA THR B 289 7.78 0.74 17.99
C THR B 289 6.56 0.14 18.71
N ARG B 290 5.37 0.47 18.24
CA ARG B 290 4.17 -0.13 18.81
C ARG B 290 3.88 -1.28 17.89
N PRO B 291 3.26 -2.35 18.40
CA PRO B 291 3.03 -3.56 17.62
C PRO B 291 2.44 -3.24 16.25
N SER B 292 1.51 -2.29 16.21
CA SER B 292 0.76 -1.98 14.99
C SER B 292 1.57 -1.50 13.79
N GLU B 293 2.72 -0.88 14.03
CA GLU B 293 3.51 -0.39 12.92
C GLU B 293 4.67 -1.33 12.72
N LEU B 294 4.63 -2.45 13.43
CA LEU B 294 5.70 -3.41 13.34
C LEU B 294 5.80 -3.89 11.90
N ALA B 295 4.65 -4.14 11.28
CA ALA B 295 4.67 -4.59 9.89
C ALA B 295 5.51 -3.67 8.96
N ARG B 296 5.10 -2.42 8.84
CA ARG B 296 5.71 -1.44 7.92
C ARG B 296 7.20 -1.12 8.14
N GLU B 297 7.72 -1.37 9.35
CA GLU B 297 9.09 -0.98 9.75
C GLU B 297 10.28 -1.86 9.30
N LEU B 298 10.17 -3.19 9.35
CA LEU B 298 11.32 -4.06 9.05
C LEU B 298 11.64 -4.22 7.56
N PHE B 299 10.60 -4.17 6.74
CA PHE B 299 10.69 -4.63 5.36
C PHE B 299 10.27 -3.57 4.32
N THR B 300 10.20 -2.30 4.73
CA THR B 300 9.87 -1.22 3.79
C THR B 300 10.86 -0.04 3.80
N HIS B 301 10.78 0.81 2.78
CA HIS B 301 11.69 1.97 2.68
C HIS B 301 11.05 3.30 3.10
N ALA B 302 10.12 3.21 4.03
CA ALA B 302 9.65 4.37 4.77
C ALA B 302 9.45 3.85 6.19
N GLY B 303 8.26 3.33 6.45
CA GLY B 303 8.00 2.67 7.72
C GLY B 303 7.42 3.59 8.77
N SER B 304 7.30 3.08 10.00
CA SER B 304 6.74 3.83 11.11
C SER B 304 7.24 3.34 12.48
N GLY B 305 8.33 3.94 12.94
CA GLY B 305 9.00 3.58 14.19
C GLY B 305 10.44 4.06 14.12
N THR B 306 11.22 3.85 15.19
CA THR B 306 12.66 4.19 15.19
C THR B 306 13.58 3.04 14.86
N LEU B 307 14.28 3.13 13.73
CA LEU B 307 15.41 2.23 13.44
C LEU B 307 16.73 2.87 13.87
N ILE B 308 17.58 2.18 14.64
CA ILE B 308 18.89 2.77 14.99
C ILE B 308 20.09 1.87 14.65
N ARG B 309 21.09 2.46 13.99
CA ARG B 309 22.33 1.76 13.63
C ARG B 309 23.45 2.48 14.31
N ARG B 310 24.67 2.10 14.02
CA ARG B 310 25.72 2.95 14.51
C ARG B 310 26.00 3.80 13.31
N GLY B 311 25.92 3.16 12.15
CA GLY B 311 26.17 3.84 10.91
C GLY B 311 27.58 4.29 11.05
N GLU B 312 28.00 5.26 10.23
CA GLU B 312 29.38 5.68 10.18
C GLU B 312 29.44 7.19 10.12
N ARG B 313 30.53 7.79 10.57
CA ARG B 313 30.59 9.23 10.44
C ARG B 313 30.71 9.51 8.97
N ILE B 314 30.28 10.70 8.58
CA ILE B 314 30.66 11.21 7.30
C ILE B 314 31.71 12.27 7.53
N VAL B 315 32.73 12.26 6.69
CA VAL B 315 33.71 13.32 6.71
C VAL B 315 33.31 14.22 5.58
N ALA B 316 33.52 15.51 5.78
CA ALA B 316 33.03 16.54 4.89
C ALA B 316 34.22 16.94 3.95
N THR B 317 34.01 17.08 2.60
CA THR B 317 35.09 17.54 1.62
C THR B 317 34.69 18.26 0.28
N ASP B 318 35.52 19.22 -0.16
CA ASP B 318 35.35 19.90 -1.47
C ASP B 318 36.35 19.38 -2.51
N ASP B 319 36.99 18.29 -2.12
CA ASP B 319 38.15 17.81 -2.83
C ASP B 319 37.79 16.62 -3.67
N LYS B 320 37.34 16.90 -4.89
CA LYS B 320 37.04 15.86 -5.85
C LYS B 320 38.13 14.77 -5.84
N SER B 321 39.36 15.17 -5.58
CA SER B 321 40.52 14.28 -5.72
C SER B 321 40.65 13.23 -4.63
N SER B 322 40.05 13.49 -3.48
CA SER B 322 40.12 12.58 -2.35
C SER B 322 39.05 11.49 -2.44
N LEU B 323 38.28 11.47 -3.53
CA LEU B 323 37.24 10.47 -3.70
C LEU B 323 37.48 9.40 -4.78
N ASP B 324 37.05 8.18 -4.48
CA ASP B 324 37.28 6.98 -5.31
C ASP B 324 36.30 6.85 -6.49
N LEU B 325 36.70 7.37 -7.66
CA LEU B 325 35.86 7.41 -8.85
C LEU B 325 35.48 6.03 -9.40
N GLY B 326 36.48 5.17 -9.56
CA GLY B 326 36.22 3.81 -9.99
C GLY B 326 35.14 3.24 -9.10
N ARG B 327 35.27 3.51 -7.81
CA ARG B 327 34.33 3.05 -6.80
C ARG B 327 32.99 3.79 -6.79
N LEU B 328 33.00 5.10 -7.03
CA LEU B 328 31.75 5.85 -7.08
C LEU B 328 30.93 5.51 -8.33
N ASP B 329 31.61 5.41 -9.47
CA ASP B 329 30.99 4.93 -10.68
C ASP B 329 30.41 3.56 -10.33
N ASN B 330 31.07 2.87 -9.39
CA ASN B 330 30.56 1.59 -8.88
C ASN B 330 29.33 1.76 -7.98
N LEU B 331 29.30 2.87 -7.23
CA LEU B 331 28.12 3.22 -6.43
C LEU B 331 26.91 3.63 -7.28
N VAL B 332 27.15 4.44 -8.30
CA VAL B 332 26.14 5.00 -9.20
C VAL B 332 25.46 3.98 -10.12
N LYS B 333 26.27 3.09 -10.70
CA LYS B 333 25.76 2.07 -11.59
C LYS B 333 24.64 1.29 -10.86
N ALA B 334 24.82 1.07 -9.56
CA ALA B 334 23.84 0.32 -8.78
C ALA B 334 22.57 1.08 -8.34
N ALA B 335 22.71 2.32 -7.87
CA ALA B 335 21.54 3.10 -7.41
C ALA B 335 20.54 3.37 -8.53
N PHE B 336 20.91 4.27 -9.43
CA PHE B 336 20.09 4.57 -10.60
C PHE B 336 20.06 3.33 -11.48
N GLY B 337 21.00 3.24 -12.41
CA GLY B 337 21.00 2.11 -13.31
C GLY B 337 21.64 2.36 -14.65
N ARG B 338 22.34 3.48 -14.77
CA ARG B 338 23.14 3.67 -15.97
C ARG B 338 24.56 4.09 -15.61
N PRO B 339 25.49 3.92 -16.55
CA PRO B 339 26.76 4.44 -16.10
C PRO B 339 26.91 5.82 -16.68
N ALA B 340 27.72 6.64 -16.01
CA ALA B 340 28.02 7.96 -16.50
C ALA B 340 28.68 7.86 -17.87
N VAL B 341 28.40 8.83 -18.73
CA VAL B 341 29.03 8.91 -20.03
C VAL B 341 30.54 9.11 -19.92
N GLU B 342 31.25 8.81 -21.00
CA GLU B 342 32.70 8.85 -21.01
C GLU B 342 33.23 10.23 -20.63
N GLY B 343 34.46 10.25 -20.11
CA GLY B 343 35.15 11.49 -19.79
C GLY B 343 34.45 12.34 -18.76
N TYR B 344 33.33 11.87 -18.24
CA TYR B 344 32.49 12.66 -17.35
C TYR B 344 33.13 13.11 -16.03
N TRP B 345 33.54 12.15 -15.22
CA TRP B 345 33.96 12.45 -13.85
C TRP B 345 35.06 13.49 -13.86
N ASP B 346 35.97 13.32 -14.82
CA ASP B 346 37.06 14.23 -15.04
C ASP B 346 36.45 15.60 -15.23
N ARG B 347 35.38 15.65 -16.03
CA ARG B 347 34.74 16.90 -16.36
C ARG B 347 34.10 17.51 -15.14
N LEU B 348 33.56 16.70 -14.25
CA LEU B 348 32.72 17.23 -13.18
C LEU B 348 33.46 18.30 -12.40
N ARG B 349 32.80 19.42 -12.08
CA ARG B 349 33.55 20.49 -11.41
C ARG B 349 33.54 20.32 -9.92
N VAL B 350 32.38 20.51 -9.33
CA VAL B 350 32.22 20.14 -7.95
C VAL B 350 32.58 21.13 -6.86
N ASP B 351 31.50 21.55 -6.22
CA ASP B 351 31.47 22.46 -5.10
C ASP B 351 31.63 21.66 -3.81
N ARG B 352 30.92 20.55 -3.65
CA ARG B 352 31.11 19.74 -2.44
C ARG B 352 30.57 18.30 -2.46
N ALA B 353 31.18 17.44 -1.63
CA ALA B 353 30.97 15.99 -1.72
C ALA B 353 30.76 15.24 -0.38
N PHE B 354 29.65 14.49 -0.27
CA PHE B 354 29.36 13.67 0.91
C PHE B 354 29.30 12.22 0.63
N VAL B 355 30.30 11.47 1.07
CA VAL B 355 30.21 10.03 0.97
C VAL B 355 30.30 9.41 2.35
N THR B 356 29.30 8.59 2.65
CA THR B 356 29.34 7.82 3.84
C THR B 356 30.42 6.76 3.63
N GLU B 357 31.19 6.56 4.69
CA GLU B 357 32.41 5.77 4.69
C GLU B 357 32.42 4.57 3.75
N SER B 358 31.26 3.93 3.54
CA SER B 358 31.18 2.66 2.83
C SER B 358 31.00 2.75 1.30
N TYR B 359 30.95 3.97 0.77
CA TYR B 359 30.72 4.20 -0.66
C TYR B 359 29.47 3.48 -1.17
N ARG B 360 28.42 3.51 -0.37
CA ARG B 360 27.12 2.99 -0.78
C ARG B 360 26.04 4.08 -0.81
N ALA B 361 26.37 5.26 -0.27
CA ALA B 361 25.49 6.43 -0.32
C ALA B 361 26.30 7.71 -0.50
N ALA B 362 25.83 8.62 -1.37
CA ALA B 362 26.57 9.87 -1.66
C ALA B 362 25.75 11.05 -2.25
N ALA B 363 26.19 12.29 -1.95
CA ALA B 363 25.57 13.52 -2.49
C ALA B 363 26.58 14.54 -3.07
N ILE B 364 26.31 15.07 -4.28
CA ILE B 364 27.24 15.99 -4.99
C ILE B 364 26.80 17.36 -5.57
N THR B 365 27.45 18.43 -5.12
CA THR B 365 27.14 19.80 -5.53
C THR B 365 28.08 20.33 -6.62
N THR B 366 27.55 20.74 -7.77
CA THR B 366 28.36 21.53 -8.67
C THR B 366 27.98 22.96 -8.43
N ARG B 367 28.23 23.84 -9.38
CA ARG B 367 27.61 25.13 -9.20
C ARG B 367 26.93 25.65 -10.42
N LEU B 368 26.28 26.77 -10.23
CA LEU B 368 25.49 27.36 -11.27
C LEU B 368 24.95 28.68 -10.77
N ASP B 369 25.30 29.73 -11.52
CA ASP B 369 24.95 31.12 -11.26
C ASP B 369 24.99 31.46 -9.76
N GLY B 370 25.85 30.78 -9.00
CA GLY B 370 25.95 30.99 -7.56
C GLY B 370 25.21 29.96 -6.72
N TRP B 371 24.12 29.44 -7.26
CA TRP B 371 23.30 28.43 -6.61
C TRP B 371 23.94 27.03 -6.53
N VAL B 372 24.07 26.52 -5.30
CA VAL B 372 24.51 25.15 -5.01
C VAL B 372 23.56 24.28 -5.73
N TYR B 373 23.96 23.31 -6.49
CA TYR B 373 22.99 22.64 -7.33
C TYR B 373 23.05 21.16 -7.17
N LEU B 374 22.02 20.49 -6.75
CA LEU B 374 22.28 19.08 -6.60
C LEU B 374 22.52 18.40 -7.93
N ASP B 375 23.70 17.82 -8.10
CA ASP B 375 24.05 17.19 -9.36
C ASP B 375 23.58 15.75 -9.45
N LYS B 376 24.01 14.95 -8.47
CA LYS B 376 23.64 13.53 -8.38
C LYS B 376 23.30 13.11 -6.98
N PHE B 377 22.24 12.32 -6.85
CA PHE B 377 21.91 11.73 -5.56
C PHE B 377 21.57 10.24 -5.65
N ALA B 378 22.50 9.40 -5.18
CA ALA B 378 22.37 7.95 -5.27
C ALA B 378 22.56 7.21 -3.93
N VAL B 379 21.53 6.46 -3.56
CA VAL B 379 21.53 5.65 -2.36
C VAL B 379 21.06 4.27 -2.76
N LEU B 380 21.90 3.30 -2.49
CA LEU B 380 21.61 1.92 -2.84
C LEU B 380 20.51 1.37 -1.94
N ASP B 381 19.82 0.35 -2.45
CA ASP B 381 18.66 -0.18 -1.78
C ASP B 381 18.97 -0.51 -0.33
N ASP B 382 20.16 -1.01 -0.07
CA ASP B 382 20.53 -1.36 1.29
C ASP B 382 20.57 -0.13 2.19
N ALA B 383 21.19 0.93 1.68
CA ALA B 383 21.42 2.15 2.43
C ALA B 383 20.12 2.84 2.79
N ARG B 384 19.23 2.97 1.81
CA ARG B 384 17.88 3.47 2.02
C ARG B 384 17.26 2.87 3.29
N GLY B 385 17.19 1.54 3.31
CA GLY B 385 16.55 0.81 4.41
C GLY B 385 17.22 0.96 5.76
N GLU B 386 18.49 1.33 5.74
CA GLU B 386 19.22 1.54 6.98
C GLU B 386 18.89 2.94 7.50
N GLY B 387 18.28 3.75 6.64
CA GLY B 387 17.91 5.12 6.97
C GLY B 387 19.03 6.09 6.69
N LEU B 388 19.95 5.67 5.83
CA LEU B 388 21.20 6.37 5.56
C LEU B 388 21.17 7.31 4.39
N GLY B 389 20.55 6.85 3.31
CA GLY B 389 20.24 7.75 2.24
C GLY B 389 19.89 9.02 2.99
N ARG B 390 19.19 8.88 4.11
CA ARG B 390 18.61 10.01 4.85
C ARG B 390 19.51 10.86 5.77
N THR B 391 20.60 10.29 6.31
CA THR B 391 21.55 11.13 7.06
C THR B 391 22.28 12.03 6.08
N VAL B 392 22.70 11.43 4.97
CA VAL B 392 23.35 12.12 3.86
C VAL B 392 22.71 13.45 3.47
N TRP B 393 21.43 13.38 3.21
CA TRP B 393 20.69 14.53 2.84
C TRP B 393 20.96 15.59 3.89
N ASN B 394 21.11 15.16 5.14
CA ASN B 394 21.20 16.09 6.27
C ASN B 394 22.38 17.07 6.35
N ARG B 395 23.61 16.59 6.20
CA ARG B 395 24.73 17.52 6.20
C ARG B 395 24.63 18.41 4.96
N LEU B 396 24.07 17.85 3.89
CA LEU B 396 23.88 18.55 2.62
C LEU B 396 22.99 19.79 2.74
N VAL B 397 22.08 19.78 3.71
CA VAL B 397 21.18 20.91 3.86
C VAL B 397 21.64 21.78 4.99
N ASP B 398 22.30 21.18 5.97
CA ASP B 398 22.93 22.03 6.93
C ASP B 398 23.90 22.97 6.18
N TYR B 399 24.60 22.44 5.18
CA TYR B 399 25.57 23.22 4.37
C TYR B 399 24.94 24.16 3.33
N ALA B 400 23.87 23.73 2.68
CA ALA B 400 23.26 24.54 1.60
C ALA B 400 21.76 24.87 1.71
N PRO B 401 21.36 25.71 2.70
CA PRO B 401 20.01 26.25 2.96
C PRO B 401 19.32 26.78 1.73
N GLN B 402 20.10 27.30 0.79
CA GLN B 402 19.56 27.67 -0.49
C GLN B 402 20.03 26.58 -1.42
N LEU B 403 19.13 25.86 -2.06
CA LEU B 403 19.56 24.74 -2.91
C LEU B 403 18.66 24.55 -4.11
N ILE B 404 19.25 24.17 -5.23
CA ILE B 404 18.50 23.87 -6.43
C ILE B 404 18.87 22.49 -6.89
N TRP B 405 17.90 21.77 -7.43
CA TRP B 405 18.18 20.53 -8.12
C TRP B 405 17.04 20.14 -9.01
N ARG B 406 17.25 19.09 -9.79
CA ARG B 406 16.21 18.69 -10.71
C ARG B 406 16.05 17.22 -10.59
N SER B 407 15.16 16.69 -11.43
CA SER B 407 14.74 15.30 -11.37
C SER B 407 13.72 14.79 -12.37
N ARG B 408 13.84 13.52 -12.69
CA ARG B 408 12.86 12.92 -13.57
C ARG B 408 11.53 12.86 -12.86
N THR B 409 10.49 12.91 -13.67
CA THR B 409 9.12 12.89 -13.22
C THR B 409 8.73 11.54 -12.63
N ASN B 410 9.33 10.48 -13.14
CA ASN B 410 9.01 9.15 -12.67
C ASN B 410 9.85 8.66 -11.52
N ASN B 411 11.10 9.11 -11.41
CA ASN B 411 11.94 8.71 -10.28
C ASN B 411 11.03 8.69 -9.07
N PRO B 412 10.49 7.51 -8.74
CA PRO B 412 9.38 7.36 -7.79
C PRO B 412 9.71 8.06 -6.49
N VAL B 413 10.94 8.55 -6.40
CA VAL B 413 11.44 9.20 -5.20
C VAL B 413 10.87 10.58 -5.08
N ASN B 414 10.39 11.09 -6.21
CA ASN B 414 10.06 12.50 -6.33
C ASN B 414 9.34 13.01 -5.10
N GLY B 415 8.60 12.13 -4.46
CA GLY B 415 7.69 12.50 -3.40
C GLY B 415 8.47 13.07 -2.25
N PHE B 416 9.58 12.44 -1.97
CA PHE B 416 10.38 12.96 -0.90
C PHE B 416 10.84 14.36 -1.27
N TYR B 417 11.23 14.56 -2.52
CA TYR B 417 11.69 15.90 -2.93
C TYR B 417 10.56 16.94 -2.66
N PHE B 418 9.33 16.64 -3.08
CA PHE B 418 8.23 17.56 -2.79
C PHE B 418 7.92 17.74 -1.29
N GLU B 419 8.06 16.68 -0.49
CA GLU B 419 7.87 16.85 0.94
C GLU B 419 8.83 17.85 1.55
N GLU B 420 9.99 18.06 0.90
CA GLU B 420 11.05 18.80 1.53
C GLU B 420 11.15 20.19 0.96
N CYS B 421 10.93 20.33 -0.34
CA CYS B 421 11.32 21.57 -0.97
C CYS B 421 10.53 22.75 -0.49
N ASP B 422 10.81 23.90 -1.07
CA ASP B 422 9.96 25.04 -0.93
C ASP B 422 9.91 25.57 -2.33
N GLY B 423 9.93 24.64 -3.27
CA GLY B 423 9.78 25.00 -4.67
C GLY B 423 9.64 23.78 -5.55
N ALA B 424 8.99 23.95 -6.68
CA ALA B 424 8.83 22.86 -7.60
C ALA B 424 8.70 23.46 -8.94
N VAL B 425 8.72 22.65 -9.96
CA VAL B 425 8.42 23.10 -11.30
C VAL B 425 8.32 21.88 -12.22
N ARG B 426 7.14 21.59 -12.79
CA ARG B 426 6.95 20.35 -13.57
C ARG B 426 6.65 20.51 -15.07
N ARG B 427 7.36 19.76 -15.90
CA ARG B 427 7.05 19.64 -17.31
C ARG B 427 7.04 18.16 -17.61
N ASP B 428 6.41 17.76 -18.70
CA ASP B 428 6.11 16.37 -18.93
C ASP B 428 7.21 15.40 -18.52
N GLU B 429 8.43 15.70 -18.94
CA GLU B 429 9.52 14.77 -18.74
C GLU B 429 10.33 14.95 -17.42
N TRP B 430 10.58 16.21 -17.08
CA TRP B 430 11.48 16.55 -15.99
C TRP B 430 10.77 17.49 -15.06
N THR B 431 11.39 17.72 -13.91
CA THR B 431 10.79 18.57 -12.93
C THR B 431 11.88 19.25 -12.16
N VAL B 432 11.92 20.57 -12.20
CA VAL B 432 12.97 21.26 -11.48
C VAL B 432 12.50 21.70 -10.12
N PHE B 433 13.37 21.56 -9.12
CA PHE B 433 12.93 21.77 -7.77
C PHE B 433 13.68 22.87 -7.19
N TRP B 434 13.31 23.38 -6.03
CA TRP B 434 14.26 24.21 -5.30
C TRP B 434 13.87 24.26 -3.87
N ARG B 435 14.85 24.47 -3.03
CA ARG B 435 14.61 24.51 -1.61
C ARG B 435 15.22 25.74 -1.00
N GLY B 436 14.43 26.80 -0.89
CA GLY B 436 14.92 27.99 -0.25
C GLY B 436 13.85 29.04 -0.30
N GLU B 437 13.87 29.93 0.68
CA GLU B 437 12.93 31.01 0.73
C GLU B 437 13.28 32.04 -0.34
N MET B 438 13.10 31.68 -1.60
CA MET B 438 13.31 32.62 -2.69
C MET B 438 11.97 32.84 -3.40
N GLY B 439 11.80 33.99 -4.05
CA GLY B 439 10.60 34.21 -4.86
C GLY B 439 10.82 33.72 -6.29
N PRO B 440 9.78 33.07 -6.89
CA PRO B 440 9.98 32.50 -8.23
C PRO B 440 10.78 33.35 -9.25
N VAL B 441 10.87 34.67 -9.13
CA VAL B 441 11.43 35.43 -10.25
C VAL B 441 12.91 35.20 -10.27
N GLU B 442 13.47 35.22 -9.09
CA GLU B 442 14.87 34.94 -8.88
C GLU B 442 15.10 33.57 -9.47
N VAL B 443 14.45 32.62 -8.83
CA VAL B 443 14.53 31.22 -9.17
C VAL B 443 14.39 30.96 -10.67
N ALA B 444 13.35 31.50 -11.28
CA ALA B 444 13.09 31.20 -12.68
C ALA B 444 14.36 31.14 -13.50
N ASP B 445 15.29 32.06 -13.26
CA ASP B 445 16.51 32.03 -14.03
C ASP B 445 17.30 30.73 -13.84
N VAL B 446 17.85 30.49 -12.64
CA VAL B 446 18.60 29.24 -12.44
C VAL B 446 17.74 28.04 -12.80
N VAL B 447 16.45 28.09 -12.51
CA VAL B 447 15.55 27.02 -12.88
C VAL B 447 15.55 26.78 -14.37
N GLU B 448 15.37 27.86 -15.13
CA GLU B 448 15.40 27.73 -16.58
C GLU B 448 16.71 27.07 -16.95
N LYS B 449 17.77 27.42 -16.24
CA LYS B 449 19.03 26.73 -16.41
C LYS B 449 18.82 25.27 -16.09
N ALA B 450 18.14 25.00 -14.97
CA ALA B 450 17.97 23.65 -14.52
C ALA B 450 17.32 22.78 -15.57
N PHE B 451 16.23 23.23 -16.17
CA PHE B 451 15.62 22.40 -17.19
C PHE B 451 16.58 22.21 -18.31
N ALA B 452 17.48 23.15 -18.47
CA ALA B 452 18.34 23.12 -19.62
C ALA B 452 19.42 22.09 -19.39
N LEU B 453 19.96 21.99 -18.19
CA LEU B 453 20.99 21.00 -17.98
C LEU B 453 20.57 19.68 -18.65
N PRO B 454 21.54 19.02 -19.31
CA PRO B 454 21.43 17.80 -20.14
C PRO B 454 21.37 16.50 -19.31
N PRO B 455 20.95 15.36 -19.90
CA PRO B 455 20.92 14.19 -19.01
C PRO B 455 22.31 13.64 -18.71
N THR B 456 22.55 13.26 -17.45
CA THR B 456 23.87 12.86 -16.98
C THR B 456 24.05 11.34 -17.11
N LEU B 457 22.92 10.66 -17.19
CA LEU B 457 22.88 9.22 -17.36
C LEU B 457 22.47 9.05 -18.81
N GLU B 458 22.82 7.95 -19.46
CA GLU B 458 22.37 7.79 -20.85
C GLU B 458 20.85 7.57 -21.00
N ALA B 459 20.43 7.10 -22.18
CA ALA B 459 19.03 7.15 -22.63
C ALA B 459 17.97 6.37 -21.82
#